data_9N3P
#
_entry.id   9N3P
#
_cell.length_a   103.000
_cell.length_b   138.300
_cell.length_c   177.680
_cell.angle_alpha   90.000
_cell.angle_beta   90.000
_cell.angle_gamma   90.000
#
_symmetry.space_group_name_H-M   'I 2 2 2'
#
loop_
_entity.id
_entity.type
_entity.pdbx_description
1 polymer 'Protein arginine N-methyltransferase 5'
2 polymer 'Methylosome protein 50'
3 non-polymer "5'-DEOXY-5'-METHYLTHIOADENOSINE"
4 non-polymer N-(6-amino-5-methylpyridin-3-yl)-2-[(2S,5R)-2-(4-fluorophenyl)-5-methyl-4-(2-methylpropanoyl)piperazin-1-yl]-2-oxoacetamide
5 non-polymer 1,2-ETHANEDIOL
6 non-polymer 'CHLORIDE ION'
7 water water
#
loop_
_entity_poly.entity_id
_entity_poly.type
_entity_poly.pdbx_seq_one_letter_code
_entity_poly.pdbx_strand_id
1 'polypeptide(L)'
;MDYKDDDDKAAMAVGGAGGSRVSSGRDLNCVPEIADTLGAVAKQGFDFLCMPVFHPRFKREFIQEPAKNRPGPQTRSDLL
LSGRDWNTLIVGKLSPWIRPDSKVEKIRRNSEAAMLQELNFGAYLGLPAFLLPLNQEDNTNLARVLTNHIHTGHHSSMFW
MRVPLVAPEDLRDDIIENAPTTHTEEYSGEEKTWMWWHNFRTLCDYSKRIAVALEIGADLPSNHVIDRWLGEPIKAAILP
TSIFLTNKKGFPVLSKMHQRLIFRLLKLEVQFIITGTNHHSEKEFCSYLQYLEYLSQNRPPPNAYELFAKGYEDYLQSPL
QPLMDNLESQTYEVFEKDPIKYSQYQQAIYKCLLDRVPEEEKDTNVQVLMVLGAGRGPLVNASLRAAKQADRRIKLYAVE
KNPNAVVTLENWQFEEWGSQVTVVSSDMREWVAPEKADIIVSELLGSFADNELSPECLDGAQHFLKDDGVSIPGEYTSFL
APISSSKLYNEVRACREKDRDPEAQFEMPYVVRLHNFHQLSAPQPCFTFSHPNRDPMIDNNRYCTLEFPVEVNTVLHGFA
GYFETVLYQDITLSIRPETHSPGMFSWFPILFPIKQPITVREGQTICVRFWRCSNSKKVWYEWAVTAPVCSAIHNPTGRS
YTIGL
;
A
2 'polypeptide(L)'
;MHHHHHHHHRKETPPPLVPPAAREWNLPPNAPACMERQLEAARYRSDGALLLGASSLSGRCWAGSLWLFKDPCAAPNEGF
CSAGVQTEAGVADLTWVGERGILVASDSGAVELWELDENETLIVSKFCKYEHDDIVSTVSVLSSGTQAVSGSKDICIKVW
DLAQQVVLSSYRAHAAQVTCVAASPHKDSVFLSCSEDNRILLWDTRCPKPASQIGCSAPGYLPTSLAWHPQQSEVFVFGD
ENGTVSLVDTKSTSCVLSSAVHSQCVTGLVFSPHSVPFLASLSEDCSLAVLDSSLSELFRSQAHRDFVRDATWSPLNHSL
LTTVGWDHQVVHHVVPTEPLPAPGPASVTE
;
B
#
# COMPACT_ATOMS: atom_id res chain seq x y z
N ARG A 21 -11.83 -14.20 9.63
CA ARG A 21 -12.40 -13.68 8.39
C ARG A 21 -11.62 -12.44 7.92
N VAL A 22 -11.47 -12.31 6.61
CA VAL A 22 -10.73 -11.22 6.00
C VAL A 22 -11.69 -10.06 5.72
N SER A 23 -11.14 -8.84 5.73
CA SER A 23 -11.83 -7.66 5.25
C SER A 23 -11.37 -7.39 3.83
N SER A 24 -12.30 -7.47 2.88
CA SER A 24 -11.96 -7.41 1.47
C SER A 24 -12.82 -6.39 0.75
N GLY A 25 -12.29 -5.90 -0.38
CA GLY A 25 -13.02 -4.97 -1.21
C GLY A 25 -12.81 -5.31 -2.68
N ARG A 26 -13.73 -4.82 -3.50
CA ARG A 26 -13.71 -5.05 -4.94
C ARG A 26 -13.35 -3.77 -5.67
N ASP A 27 -12.35 -3.83 -6.54
CA ASP A 27 -11.91 -2.69 -7.33
C ASP A 27 -12.51 -2.77 -8.72
N LEU A 28 -13.13 -1.68 -9.17
CA LEU A 28 -13.76 -1.61 -10.47
C LEU A 28 -13.49 -0.26 -11.11
N ASN A 29 -13.34 -0.27 -12.43
CA ASN A 29 -13.21 0.95 -13.21
C ASN A 29 -14.38 1.15 -14.17
N CYS A 30 -15.45 0.37 -14.00
CA CYS A 30 -16.63 0.46 -14.85
C CYS A 30 -17.85 0.17 -13.98
N VAL A 31 -18.65 1.20 -13.73
CA VAL A 31 -19.86 1.06 -12.91
C VAL A 31 -21.04 1.63 -13.69
N PRO A 32 -21.83 0.79 -14.38
CA PRO A 32 -23.01 1.30 -15.09
C PRO A 32 -24.01 1.94 -14.16
N GLU A 33 -24.52 1.16 -13.20
CA GLU A 33 -25.40 1.66 -12.15
C GLU A 33 -24.76 1.37 -10.81
N ILE A 34 -24.72 2.37 -9.93
CA ILE A 34 -23.99 2.22 -8.68
C ILE A 34 -24.72 1.27 -7.73
N ALA A 35 -26.06 1.30 -7.74
CA ALA A 35 -26.83 0.47 -6.81
C ALA A 35 -26.72 -1.01 -7.17
N ASP A 36 -26.93 -1.34 -8.46
CA ASP A 36 -26.84 -2.73 -8.88
C ASP A 36 -25.42 -3.27 -8.71
N THR A 37 -24.41 -2.45 -9.02
CA THR A 37 -23.03 -2.88 -8.86
C THR A 37 -22.71 -3.12 -7.38
N LEU A 38 -23.15 -2.22 -6.50
CA LEU A 38 -22.91 -2.40 -5.08
C LEU A 38 -23.62 -3.65 -4.56
N GLY A 39 -24.85 -3.89 -5.01
CA GLY A 39 -25.55 -5.10 -4.61
C GLY A 39 -24.85 -6.36 -5.08
N ALA A 40 -24.32 -6.34 -6.31
CA ALA A 40 -23.61 -7.50 -6.84
C ALA A 40 -22.33 -7.77 -6.06
N VAL A 41 -21.54 -6.73 -5.80
CA VAL A 41 -20.31 -6.93 -5.05
C VAL A 41 -20.58 -7.30 -3.60
N ALA A 42 -21.74 -6.91 -3.06
CA ALA A 42 -22.11 -7.36 -1.72
C ALA A 42 -22.53 -8.83 -1.73
N LYS A 43 -23.28 -9.25 -2.76
CA LYS A 43 -23.64 -10.65 -2.89
C LYS A 43 -22.41 -11.54 -3.05
N GLN A 44 -21.40 -11.05 -3.77
CA GLN A 44 -20.17 -11.82 -3.94
C GLN A 44 -19.39 -11.96 -2.64
N GLY A 45 -19.68 -11.13 -1.63
CA GLY A 45 -19.05 -11.24 -0.34
C GLY A 45 -18.05 -10.15 0.01
N PHE A 46 -17.99 -9.06 -0.77
CA PHE A 46 -17.05 -7.99 -0.50
C PHE A 46 -17.61 -7.02 0.54
N ASP A 47 -16.70 -6.39 1.28
CA ASP A 47 -17.08 -5.44 2.31
C ASP A 47 -17.13 -4.00 1.81
N PHE A 48 -16.46 -3.68 0.71
CA PHE A 48 -16.49 -2.33 0.18
C PHE A 48 -16.13 -2.36 -1.30
N LEU A 49 -16.32 -1.21 -1.95
CA LEU A 49 -16.14 -1.08 -3.40
C LEU A 49 -15.28 0.14 -3.69
N CYS A 50 -14.18 -0.08 -4.40
CA CYS A 50 -13.37 1.00 -4.94
C CYS A 50 -13.86 1.30 -6.36
N MET A 51 -14.38 2.50 -6.56
CA MET A 51 -15.01 2.89 -7.80
C MET A 51 -14.69 4.33 -8.12
N PRO A 52 -14.76 4.73 -9.39
CA PRO A 52 -14.55 6.14 -9.73
C PRO A 52 -15.78 6.97 -9.41
N VAL A 53 -15.54 8.16 -8.85
CA VAL A 53 -16.63 9.07 -8.57
C VAL A 53 -17.02 9.90 -9.79
N PHE A 54 -16.10 10.08 -10.73
CA PHE A 54 -16.38 10.60 -12.06
C PHE A 54 -16.05 9.51 -13.07
N HIS A 55 -16.66 9.59 -14.24
CA HIS A 55 -16.40 8.59 -15.26
C HIS A 55 -14.94 8.66 -15.68
N PRO A 56 -14.22 7.53 -15.73
CA PRO A 56 -12.77 7.59 -15.98
C PRO A 56 -12.39 8.21 -17.31
N ARG A 57 -13.24 8.10 -18.33
CA ARG A 57 -12.95 8.66 -19.64
C ARG A 57 -13.56 10.05 -19.82
N PHE A 58 -14.14 10.63 -18.77
CA PHE A 58 -14.83 11.92 -18.87
C PHE A 58 -13.85 13.04 -18.52
N LYS A 59 -12.91 13.27 -19.43
CA LYS A 59 -11.93 14.33 -19.24
C LYS A 59 -12.62 15.69 -19.32
N ARG A 60 -12.29 16.57 -18.38
CA ARG A 60 -12.95 17.86 -18.23
C ARG A 60 -11.94 18.99 -18.39
N GLU A 61 -12.41 20.09 -18.96
CA GLU A 61 -11.60 21.28 -19.20
C GLU A 61 -11.99 22.38 -18.22
N PHE A 62 -10.97 23.06 -17.67
CA PHE A 62 -11.19 24.07 -16.66
C PHE A 62 -10.75 25.47 -17.07
N ILE A 63 -9.99 25.63 -18.16
CA ILE A 63 -9.39 26.90 -18.53
C ILE A 63 -9.90 27.38 -19.89
N GLN A 64 -9.79 26.55 -20.92
CA GLN A 64 -9.98 26.98 -22.29
C GLN A 64 -11.41 26.69 -22.76
N GLU A 65 -12.06 27.69 -23.33
CA GLU A 65 -13.36 27.53 -23.96
C GLU A 65 -13.20 26.85 -25.31
N PRO A 66 -14.27 26.22 -25.84
CA PRO A 66 -15.64 26.12 -25.31
C PRO A 66 -15.88 24.90 -24.42
N ALA A 67 -14.96 23.93 -24.38
CA ALA A 67 -15.14 22.76 -23.54
C ALA A 67 -15.20 23.10 -22.06
N LYS A 68 -14.72 24.29 -21.68
CA LYS A 68 -14.82 24.74 -20.30
C LYS A 68 -16.28 24.89 -19.87
N ASN A 69 -17.15 25.32 -20.79
CA ASN A 69 -18.57 25.54 -20.50
C ASN A 69 -19.42 24.32 -20.83
N ARG A 70 -18.95 23.12 -20.50
CA ARG A 70 -19.71 21.91 -20.79
C ARG A 70 -20.94 21.83 -19.88
N PRO A 71 -22.12 21.59 -20.43
CA PRO A 71 -23.32 21.52 -19.59
C PRO A 71 -23.28 20.31 -18.66
N GLY A 72 -23.77 20.51 -17.43
CA GLY A 72 -23.79 19.47 -16.45
C GLY A 72 -24.88 18.45 -16.72
N PRO A 73 -25.02 17.48 -15.81
CA PRO A 73 -24.26 17.28 -14.56
C PRO A 73 -22.87 16.72 -14.83
N GLN A 74 -21.92 16.92 -13.90
CA GLN A 74 -20.55 16.49 -14.11
C GLN A 74 -20.30 15.06 -13.67
N THR A 75 -21.18 14.48 -12.86
CA THR A 75 -21.03 13.10 -12.41
C THR A 75 -22.36 12.63 -11.84
N ARG A 76 -22.34 11.47 -11.20
CA ARG A 76 -23.54 10.92 -10.58
C ARG A 76 -24.00 11.77 -9.41
N SER A 77 -25.28 11.64 -9.08
CA SER A 77 -25.85 12.35 -7.94
C SER A 77 -25.55 11.61 -6.64
N ASP A 78 -25.36 12.38 -5.57
CA ASP A 78 -25.10 11.80 -4.26
C ASP A 78 -26.34 11.18 -3.63
N LEU A 79 -27.53 11.45 -4.18
CA LEU A 79 -28.75 10.85 -3.65
C LEU A 79 -28.90 9.38 -4.03
N LEU A 80 -28.01 8.86 -4.87
CA LEU A 80 -28.11 7.46 -5.30
C LEU A 80 -27.72 6.48 -4.19
N LEU A 81 -27.06 6.95 -3.14
CA LEU A 81 -26.72 6.11 -2.00
C LEU A 81 -26.99 6.88 -0.72
N SER A 82 -27.24 6.13 0.36
CA SER A 82 -27.40 6.73 1.66
C SER A 82 -26.06 7.23 2.18
N GLY A 83 -26.11 8.18 3.11
CA GLY A 83 -24.89 8.68 3.72
C GLY A 83 -24.09 7.60 4.42
N ARG A 84 -24.77 6.63 5.03
CA ARG A 84 -24.07 5.51 5.66
C ARG A 84 -23.30 4.70 4.62
N ASP A 85 -23.91 4.46 3.46
CA ASP A 85 -23.24 3.71 2.41
C ASP A 85 -22.02 4.47 1.89
N TRP A 86 -22.14 5.78 1.69
CA TRP A 86 -20.99 6.57 1.29
C TRP A 86 -19.89 6.53 2.33
N ASN A 87 -20.28 6.53 3.62
CA ASN A 87 -19.28 6.56 4.68
C ASN A 87 -18.58 5.22 4.87
N THR A 88 -19.26 4.11 4.56
CA THR A 88 -18.75 2.80 4.96
C THR A 88 -18.34 1.89 3.80
N LEU A 89 -18.96 2.03 2.62
CA LEU A 89 -18.82 1.02 1.58
C LEU A 89 -18.13 1.50 0.30
N ILE A 90 -17.86 2.80 0.16
CA ILE A 90 -17.36 3.35 -1.10
C ILE A 90 -15.98 3.94 -0.87
N VAL A 91 -15.01 3.50 -1.67
CA VAL A 91 -13.67 4.05 -1.69
C VAL A 91 -13.47 4.74 -3.04
N GLY A 92 -13.15 6.04 -3.00
CA GLY A 92 -12.99 6.79 -4.22
C GLY A 92 -11.68 6.49 -4.94
N LYS A 93 -11.70 6.72 -6.26
CA LYS A 93 -10.54 6.51 -7.10
C LYS A 93 -10.31 7.75 -7.95
N LEU A 94 -9.05 8.18 -8.03
CA LEU A 94 -8.70 9.30 -8.91
C LEU A 94 -8.78 8.88 -10.37
N SER A 95 -9.30 9.77 -11.20
CA SER A 95 -9.44 9.46 -12.62
C SER A 95 -8.06 9.27 -13.26
N PRO A 96 -7.91 8.28 -14.13
CA PRO A 96 -6.57 7.95 -14.64
C PRO A 96 -5.98 8.98 -15.59
N TRP A 97 -6.77 9.93 -16.09
CA TRP A 97 -6.28 10.97 -16.98
C TRP A 97 -5.72 12.18 -16.25
N ILE A 98 -5.84 12.22 -14.92
CA ILE A 98 -5.35 13.35 -14.13
C ILE A 98 -3.85 13.14 -13.90
N ARG A 99 -3.03 13.99 -14.53
CA ARG A 99 -1.57 13.90 -14.47
C ARG A 99 -1.04 15.21 -13.93
N PRO A 100 -1.03 15.39 -12.59
CA PRO A 100 -0.57 16.67 -12.02
C PRO A 100 0.91 16.95 -12.25
N ASP A 101 1.70 15.96 -12.64
CA ASP A 101 3.13 16.13 -12.88
C ASP A 101 3.49 15.96 -14.35
N SER A 102 2.56 16.31 -15.24
CA SER A 102 2.82 16.24 -16.66
C SER A 102 3.85 17.28 -17.08
N LYS A 103 4.62 16.95 -18.13
CA LYS A 103 5.58 17.89 -18.68
C LYS A 103 4.92 19.06 -19.39
N VAL A 104 3.63 18.98 -19.66
CA VAL A 104 2.88 20.04 -20.35
C VAL A 104 2.21 20.91 -19.32
N GLU A 105 2.33 22.24 -19.48
CA GLU A 105 1.81 23.18 -18.50
C GLU A 105 0.28 23.18 -18.48
N LYS A 106 -0.35 23.16 -19.67
CA LYS A 106 -1.80 23.09 -19.76
C LYS A 106 -2.33 21.87 -19.00
N ILE A 107 -1.80 20.69 -19.32
CA ILE A 107 -2.24 19.47 -18.67
C ILE A 107 -1.94 19.54 -17.17
N ARG A 108 -0.83 20.16 -16.80
CA ARG A 108 -0.48 20.28 -15.38
C ARG A 108 -1.54 21.06 -14.62
N ARG A 109 -1.86 22.28 -15.08
CA ARG A 109 -2.85 23.09 -14.38
C ARG A 109 -4.23 22.44 -14.42
N ASN A 110 -4.60 21.87 -15.56
CA ASN A 110 -5.92 21.25 -15.68
C ASN A 110 -6.05 20.06 -14.75
N SER A 111 -4.98 19.27 -14.62
CA SER A 111 -4.99 18.13 -13.72
C SER A 111 -4.98 18.56 -12.26
N GLU A 112 -4.29 19.66 -11.94
CA GLU A 112 -4.41 20.22 -10.59
C GLU A 112 -5.87 20.53 -10.27
N ALA A 113 -6.54 21.25 -11.18
CA ALA A 113 -7.95 21.60 -10.95
C ALA A 113 -8.82 20.35 -10.83
N ALA A 114 -8.60 19.37 -11.70
CA ALA A 114 -9.43 18.16 -11.68
C ALA A 114 -9.19 17.33 -10.43
N MET A 115 -7.94 17.25 -9.97
CA MET A 115 -7.64 16.52 -8.75
C MET A 115 -8.27 17.19 -7.54
N LEU A 116 -8.19 18.53 -7.47
CA LEU A 116 -8.88 19.24 -6.40
C LEU A 116 -10.38 18.98 -6.46
N GLN A 117 -10.95 19.00 -7.66
CA GLN A 117 -12.39 18.76 -7.81
C GLN A 117 -12.78 17.37 -7.30
N GLU A 118 -12.03 16.34 -7.71
CA GLU A 118 -12.39 14.98 -7.33
C GLU A 118 -12.17 14.75 -5.84
N LEU A 119 -11.08 15.29 -5.27
CA LEU A 119 -10.86 15.15 -3.84
C LEU A 119 -11.95 15.87 -3.03
N ASN A 120 -12.37 17.05 -3.50
CA ASN A 120 -13.42 17.78 -2.79
C ASN A 120 -14.77 17.06 -2.92
N PHE A 121 -15.03 16.41 -4.06
CA PHE A 121 -16.26 15.64 -4.17
C PHE A 121 -16.21 14.40 -3.28
N GLY A 122 -15.05 13.77 -3.16
CA GLY A 122 -14.91 12.65 -2.25
C GLY A 122 -15.11 13.05 -0.80
N ALA A 123 -14.56 14.20 -0.40
CA ALA A 123 -14.79 14.70 0.95
C ALA A 123 -16.25 15.13 1.14
N TYR A 124 -16.89 15.62 0.08
CA TYR A 124 -18.30 15.98 0.15
C TYR A 124 -19.18 14.76 0.38
N LEU A 125 -18.80 13.60 -0.18
CA LEU A 125 -19.51 12.36 0.05
C LEU A 125 -19.18 11.72 1.38
N GLY A 126 -18.13 12.16 2.06
CA GLY A 126 -17.72 11.55 3.31
C GLY A 126 -17.11 10.18 3.12
N LEU A 127 -16.35 9.99 2.05
CA LEU A 127 -15.76 8.68 1.77
C LEU A 127 -14.68 8.35 2.79
N PRO A 128 -14.60 7.10 3.26
CA PRO A 128 -13.58 6.76 4.25
C PRO A 128 -12.16 6.70 3.70
N ALA A 129 -12.01 6.51 2.39
CA ALA A 129 -10.69 6.42 1.79
C ALA A 129 -10.77 6.81 0.32
N PHE A 130 -9.68 7.37 -0.19
CA PHE A 130 -9.57 7.79 -1.58
C PHE A 130 -8.27 7.27 -2.16
N LEU A 131 -8.33 6.67 -3.34
CA LEU A 131 -7.17 6.05 -3.96
C LEU A 131 -6.48 7.03 -4.90
N LEU A 132 -5.15 7.10 -4.82
CA LEU A 132 -4.34 7.91 -5.73
C LEU A 132 -3.12 7.09 -6.13
N PRO A 133 -2.79 7.01 -7.41
CA PRO A 133 -1.69 6.14 -7.85
C PRO A 133 -0.34 6.84 -7.84
N LEU A 134 0.71 6.02 -7.67
CA LEU A 134 2.09 6.43 -7.82
C LEU A 134 2.71 5.57 -8.91
N ASN A 135 2.75 6.10 -10.13
CA ASN A 135 3.21 5.34 -11.29
C ASN A 135 4.60 5.71 -11.76
N GLN A 136 5.15 6.83 -11.29
CA GLN A 136 6.46 7.29 -11.72
C GLN A 136 7.23 7.82 -10.52
N GLU A 137 8.48 8.23 -10.75
CA GLU A 137 9.32 8.71 -9.67
C GLU A 137 8.90 10.10 -9.22
N ASP A 138 8.59 11.00 -10.17
CA ASP A 138 8.28 12.39 -9.85
C ASP A 138 6.78 12.52 -9.61
N ASN A 139 6.41 12.75 -8.36
CA ASN A 139 5.03 13.04 -7.97
C ASN A 139 5.00 14.26 -7.05
N THR A 140 5.79 15.28 -7.38
CA THR A 140 5.95 16.43 -6.50
C THR A 140 4.72 17.32 -6.53
N ASN A 141 4.19 17.62 -7.72
CA ASN A 141 3.01 18.46 -7.80
C ASN A 141 1.78 17.74 -7.28
N LEU A 142 1.69 16.43 -7.51
CA LEU A 142 0.66 15.62 -6.88
C LEU A 142 0.71 15.75 -5.36
N ALA A 143 1.92 15.67 -4.79
CA ALA A 143 2.08 15.82 -3.36
C ALA A 143 1.69 17.23 -2.90
N ARG A 144 2.02 18.25 -3.68
CA ARG A 144 1.65 19.61 -3.34
C ARG A 144 0.13 19.77 -3.28
N VAL A 145 -0.57 19.27 -4.30
CA VAL A 145 -2.02 19.40 -4.33
C VAL A 145 -2.65 18.60 -3.19
N LEU A 146 -2.15 17.39 -2.94
CA LEU A 146 -2.72 16.58 -1.86
C LEU A 146 -2.48 17.21 -0.50
N THR A 147 -1.29 17.78 -0.28
CA THR A 147 -0.99 18.43 0.99
C THR A 147 -1.84 19.67 1.18
N ASN A 148 -2.09 20.43 0.10
CA ASN A 148 -2.99 21.57 0.20
C ASN A 148 -4.41 21.13 0.53
N HIS A 149 -4.86 20.03 -0.07
CA HIS A 149 -6.20 19.52 0.23
C HIS A 149 -6.32 19.02 1.66
N ILE A 150 -5.25 18.40 2.18
CA ILE A 150 -5.29 17.90 3.56
C ILE A 150 -5.41 19.06 4.54
N HIS A 151 -4.70 20.15 4.30
CA HIS A 151 -4.73 21.28 5.23
C HIS A 151 -5.86 22.24 4.89
N THR A 152 -7.01 21.70 4.47
CA THR A 152 -8.19 22.49 4.15
C THR A 152 -9.39 21.79 4.77
N GLY A 153 -9.70 22.15 6.01
CA GLY A 153 -10.81 21.55 6.72
C GLY A 153 -10.42 20.27 7.45
N HIS A 154 -10.76 20.18 8.73
CA HIS A 154 -10.43 19.01 9.53
C HIS A 154 -11.23 17.81 9.03
N HIS A 155 -10.54 16.73 8.69
CA HIS A 155 -11.18 15.52 8.19
C HIS A 155 -10.43 14.30 8.69
N SER A 156 -11.14 13.18 8.76
CA SER A 156 -10.58 11.89 9.15
C SER A 156 -10.33 10.99 7.96
N SER A 157 -10.60 11.46 6.74
CA SER A 157 -10.51 10.61 5.56
C SER A 157 -9.07 10.17 5.32
N MET A 158 -8.93 8.98 4.72
CA MET A 158 -7.64 8.39 4.42
C MET A 158 -7.36 8.48 2.93
N PHE A 159 -6.08 8.53 2.59
CA PHE A 159 -5.62 8.55 1.20
C PHE A 159 -4.70 7.37 0.99
N TRP A 160 -5.17 6.39 0.21
CA TRP A 160 -4.39 5.20 -0.11
C TRP A 160 -3.58 5.44 -1.37
N MET A 161 -2.26 5.35 -1.24
CA MET A 161 -1.36 5.52 -2.38
C MET A 161 -1.13 4.16 -3.03
N ARG A 162 -1.75 3.96 -4.18
CA ARG A 162 -1.59 2.73 -4.97
C ARG A 162 -0.18 2.70 -5.52
N VAL A 163 0.67 1.86 -4.93
CA VAL A 163 2.07 1.74 -5.29
C VAL A 163 2.33 0.31 -5.72
N PRO A 164 2.85 0.07 -6.91
CA PRO A 164 3.16 -1.31 -7.32
C PRO A 164 4.41 -1.83 -6.64
N LEU A 165 4.36 -3.10 -6.24
CA LEU A 165 5.53 -3.73 -5.63
C LEU A 165 6.69 -3.76 -6.61
N VAL A 166 6.40 -4.00 -7.89
CA VAL A 166 7.38 -3.94 -8.97
C VAL A 166 6.87 -2.96 -10.02
N ALA A 167 7.71 -2.04 -10.43
CA ALA A 167 7.30 -1.06 -11.43
C ALA A 167 6.98 -1.76 -12.74
N PRO A 168 5.97 -1.28 -13.49
CA PRO A 168 5.62 -1.93 -14.76
C PRO A 168 6.75 -1.95 -15.77
N GLU A 169 7.66 -0.97 -15.72
CA GLU A 169 8.81 -0.98 -16.62
C GLU A 169 9.73 -2.15 -16.32
N ASP A 170 9.88 -2.50 -15.04
CA ASP A 170 10.67 -3.66 -14.63
C ASP A 170 9.85 -4.95 -14.64
N LEU A 171 8.62 -4.90 -15.15
CA LEU A 171 7.72 -6.04 -15.14
C LEU A 171 7.26 -6.45 -16.54
N ARG A 172 7.54 -5.64 -17.56
CA ARG A 172 7.05 -5.90 -18.91
C ARG A 172 7.69 -7.14 -19.50
N ASP A 173 7.04 -7.67 -20.53
CA ASP A 173 7.60 -8.79 -21.28
C ASP A 173 8.81 -8.33 -22.08
N ASP A 174 9.75 -9.24 -22.28
CA ASP A 174 10.97 -8.94 -23.05
C ASP A 174 10.72 -9.22 -24.53
N ILE A 175 9.87 -8.37 -25.11
CA ILE A 175 9.44 -8.52 -26.50
C ILE A 175 9.77 -7.32 -27.36
N ILE A 176 10.38 -6.28 -26.81
CA ILE A 176 10.84 -5.15 -27.59
C ILE A 176 12.24 -5.47 -28.11
N GLU A 177 12.36 -5.57 -29.44
CA GLU A 177 13.59 -6.08 -30.04
C GLU A 177 14.76 -5.13 -29.79
N ASN A 178 14.55 -3.83 -29.93
CA ASN A 178 15.63 -2.85 -29.77
C ASN A 178 15.65 -2.20 -28.39
N ALA A 179 14.94 -2.77 -27.42
CA ALA A 179 14.98 -2.29 -26.03
C ALA A 179 14.84 -3.47 -25.10
N PRO A 180 15.91 -4.25 -24.92
CA PRO A 180 15.81 -5.45 -24.09
C PRO A 180 15.75 -5.11 -22.61
N THR A 181 15.08 -5.99 -21.86
CA THR A 181 15.01 -5.82 -20.41
C THR A 181 16.34 -6.21 -19.78
N THR A 182 16.77 -5.41 -18.80
CA THR A 182 18.07 -5.63 -18.18
C THR A 182 18.07 -6.92 -17.36
N HIS A 183 19.07 -7.77 -17.62
CA HIS A 183 19.27 -9.00 -16.87
C HIS A 183 20.24 -8.83 -15.72
N THR A 184 20.83 -7.65 -15.56
CA THR A 184 21.82 -7.43 -14.52
C THR A 184 21.14 -7.07 -13.20
N GLU A 185 21.68 -7.61 -12.11
CA GLU A 185 21.15 -7.33 -10.79
C GLU A 185 21.37 -5.86 -10.41
N GLU A 186 20.29 -5.18 -10.06
CA GLU A 186 20.35 -3.80 -9.58
C GLU A 186 19.67 -3.78 -8.21
N TYR A 187 20.47 -3.87 -7.15
CA TYR A 187 19.93 -4.02 -5.81
C TYR A 187 19.04 -2.85 -5.42
N SER A 188 19.54 -1.62 -5.60
CA SER A 188 18.76 -0.44 -5.24
C SER A 188 17.70 -0.12 -6.29
N GLY A 189 17.97 -0.44 -7.56
CA GLY A 189 16.97 -0.19 -8.59
C GLY A 189 15.70 -1.00 -8.38
N GLU A 190 15.85 -2.26 -7.97
CA GLU A 190 14.69 -3.12 -7.75
C GLU A 190 13.82 -2.61 -6.61
N GLU A 191 14.33 -1.69 -5.79
CA GLU A 191 13.58 -1.09 -4.70
C GLU A 191 13.02 0.28 -5.06
N LYS A 192 13.12 0.68 -6.34
CA LYS A 192 12.84 2.06 -6.73
C LYS A 192 11.43 2.49 -6.32
N THR A 193 10.46 1.59 -6.42
CA THR A 193 9.07 1.96 -6.12
C THR A 193 8.92 2.41 -4.67
N TRP A 194 9.66 1.78 -3.74
CA TRP A 194 9.63 2.24 -2.36
C TRP A 194 10.04 3.70 -2.27
N MET A 195 11.10 4.08 -2.98
CA MET A 195 11.49 5.48 -3.04
C MET A 195 10.34 6.34 -3.52
N TRP A 196 9.62 5.88 -4.55
CA TRP A 196 8.44 6.58 -5.04
C TRP A 196 7.52 6.95 -3.89
N TRP A 197 7.29 6.00 -2.99
CA TRP A 197 6.48 6.28 -1.80
C TRP A 197 7.26 7.17 -0.82
N HIS A 198 8.51 6.79 -0.53
CA HIS A 198 9.25 7.47 0.53
C HIS A 198 9.40 8.95 0.26
N ASN A 199 9.70 9.31 -0.99
CA ASN A 199 9.77 10.73 -1.35
C ASN A 199 8.41 11.38 -1.18
N PHE A 200 7.36 10.77 -1.73
CA PHE A 200 6.02 11.33 -1.65
C PHE A 200 5.61 11.52 -0.19
N ARG A 201 5.71 10.46 0.60
CA ARG A 201 5.42 10.54 2.02
C ARG A 201 6.25 11.62 2.70
N THR A 202 7.49 11.82 2.25
CA THR A 202 8.33 12.86 2.83
C THR A 202 7.86 14.25 2.40
N LEU A 203 7.41 14.39 1.15
CA LEU A 203 6.94 15.69 0.69
C LEU A 203 5.68 16.12 1.42
N CYS A 204 4.82 15.17 1.78
CA CYS A 204 3.59 15.46 2.50
C CYS A 204 3.80 15.54 4.01
N ASP A 205 5.05 15.51 4.46
CA ASP A 205 5.41 15.75 5.87
C ASP A 205 4.82 14.68 6.80
N TYR A 206 4.88 13.42 6.35
CA TYR A 206 4.49 12.27 7.16
C TYR A 206 3.05 12.40 7.68
N SER A 207 2.15 12.78 6.78
CA SER A 207 0.75 12.91 7.15
C SER A 207 0.17 11.55 7.56
N LYS A 208 -0.50 11.52 8.71
CA LYS A 208 -1.09 10.28 9.18
C LYS A 208 -2.27 9.83 8.32
N ARG A 209 -2.82 10.73 7.51
CA ARG A 209 -3.94 10.42 6.64
C ARG A 209 -3.51 9.81 5.31
N ILE A 210 -2.22 9.51 5.15
CA ILE A 210 -1.68 8.97 3.91
C ILE A 210 -1.07 7.62 4.20
N ALA A 211 -1.56 6.59 3.52
CA ALA A 211 -1.12 5.21 3.71
C ALA A 211 -0.82 4.59 2.35
N VAL A 212 -0.47 3.31 2.37
CA VAL A 212 -0.01 2.59 1.19
C VAL A 212 -1.05 1.54 0.81
N ALA A 213 -1.35 1.46 -0.50
CA ALA A 213 -2.13 0.37 -1.08
C ALA A 213 -1.18 -0.39 -2.00
N LEU A 214 -0.53 -1.40 -1.44
CA LEU A 214 0.52 -2.13 -2.15
C LEU A 214 -0.09 -3.08 -3.17
N GLU A 215 0.27 -2.91 -4.43
CA GLU A 215 -0.23 -3.76 -5.52
C GLU A 215 0.80 -4.84 -5.82
N ILE A 216 0.34 -6.08 -5.96
CA ILE A 216 1.20 -7.25 -6.11
C ILE A 216 1.06 -7.77 -7.54
N GLY A 217 2.20 -8.12 -8.16
CA GLY A 217 2.22 -8.61 -9.51
C GLY A 217 2.33 -10.13 -9.58
N ALA A 218 2.37 -10.63 -10.81
CA ALA A 218 2.46 -12.07 -11.03
C ALA A 218 3.84 -12.60 -10.64
N ASP A 219 4.89 -11.83 -10.93
CA ASP A 219 6.26 -12.21 -10.59
C ASP A 219 6.72 -11.37 -9.41
N LEU A 220 7.11 -12.05 -8.33
CA LEU A 220 7.54 -11.37 -7.11
C LEU A 220 9.03 -11.06 -7.17
N PRO A 221 9.45 -9.92 -6.60
CA PRO A 221 10.86 -9.55 -6.62
C PRO A 221 11.66 -10.28 -5.54
N SER A 222 12.90 -9.86 -5.33
CA SER A 222 13.73 -10.45 -4.30
C SER A 222 13.15 -10.15 -2.91
N ASN A 223 13.64 -10.89 -1.92
CA ASN A 223 13.08 -10.76 -0.57
C ASN A 223 13.39 -9.39 0.04
N HIS A 224 14.50 -8.76 -0.34
CA HIS A 224 14.80 -7.45 0.23
C HIS A 224 13.86 -6.38 -0.32
N VAL A 225 13.42 -6.51 -1.58
CA VAL A 225 12.44 -5.58 -2.12
C VAL A 225 11.14 -5.66 -1.33
N ILE A 226 10.73 -6.87 -0.95
CA ILE A 226 9.50 -7.03 -0.17
C ILE A 226 9.71 -6.52 1.25
N ASP A 227 10.87 -6.81 1.84
CA ASP A 227 11.14 -6.39 3.21
C ASP A 227 11.32 -4.88 3.33
N ARG A 228 11.59 -4.19 2.23
CA ARG A 228 11.64 -2.73 2.28
C ARG A 228 10.33 -2.10 2.71
N TRP A 229 9.22 -2.85 2.66
CA TRP A 229 7.93 -2.36 3.06
C TRP A 229 7.58 -2.71 4.50
N LEU A 230 8.47 -3.37 5.22
CA LEU A 230 8.26 -3.62 6.64
C LEU A 230 8.31 -2.30 7.41
N GLY A 231 7.36 -2.12 8.33
CA GLY A 231 7.26 -0.89 9.08
C GLY A 231 6.53 0.24 8.39
N GLU A 232 6.08 0.04 7.14
CA GLU A 232 5.36 1.06 6.40
C GLU A 232 3.86 0.96 6.66
N PRO A 233 3.14 2.10 6.63
CA PRO A 233 1.69 2.06 6.87
C PRO A 233 0.92 1.46 5.71
N ILE A 234 0.87 0.13 5.65
CA ILE A 234 0.17 -0.59 4.60
C ILE A 234 -1.25 -0.86 5.09
N LYS A 235 -2.23 -0.18 4.50
CA LYS A 235 -3.64 -0.41 4.85
C LYS A 235 -4.32 -1.39 3.91
N ALA A 236 -3.85 -1.49 2.67
CA ALA A 236 -4.49 -2.34 1.67
C ALA A 236 -3.44 -3.04 0.82
N ALA A 237 -3.79 -4.25 0.38
CA ALA A 237 -3.01 -5.03 -0.55
C ALA A 237 -3.87 -5.36 -1.76
N ILE A 238 -3.40 -5.02 -2.95
CA ILE A 238 -4.18 -5.14 -4.18
C ILE A 238 -3.74 -6.41 -4.90
N LEU A 239 -4.70 -7.29 -5.16
CA LEU A 239 -4.46 -8.54 -5.86
C LEU A 239 -5.20 -8.52 -7.20
N PRO A 240 -4.50 -8.53 -8.32
CA PRO A 240 -5.17 -8.73 -9.60
C PRO A 240 -5.54 -10.18 -9.81
N THR A 241 -6.66 -10.38 -10.51
CA THR A 241 -7.10 -11.75 -10.83
C THR A 241 -6.12 -12.47 -11.76
N SER A 242 -5.26 -11.71 -12.46
CA SER A 242 -4.34 -12.34 -13.41
C SER A 242 -3.21 -13.08 -12.69
N ILE A 243 -2.86 -12.66 -11.47
CA ILE A 243 -1.78 -13.32 -10.74
C ILE A 243 -2.20 -14.67 -10.18
N PHE A 244 -3.49 -14.98 -10.20
CA PHE A 244 -3.97 -16.25 -9.67
C PHE A 244 -3.72 -17.37 -10.67
N LEU A 245 -3.15 -18.48 -10.19
CA LEU A 245 -3.02 -19.68 -11.00
C LEU A 245 -4.34 -20.44 -10.97
N THR A 246 -4.35 -21.61 -11.60
CA THR A 246 -5.52 -22.47 -11.62
C THR A 246 -5.10 -23.90 -11.29
N ASN A 247 -5.92 -24.58 -10.50
CA ASN A 247 -5.61 -25.93 -10.04
C ASN A 247 -6.29 -26.96 -10.93
N LYS A 248 -6.42 -28.19 -10.43
CA LYS A 248 -7.03 -29.26 -11.22
C LYS A 248 -8.53 -29.05 -11.41
N LYS A 249 -9.23 -28.62 -10.36
CA LYS A 249 -10.66 -28.43 -10.43
C LYS A 249 -11.07 -27.08 -11.00
N GLY A 250 -10.10 -26.24 -11.40
CA GLY A 250 -10.39 -24.96 -12.01
C GLY A 250 -10.51 -23.79 -11.06
N PHE A 251 -10.41 -24.02 -9.75
CA PHE A 251 -10.50 -22.93 -8.80
C PHE A 251 -9.22 -22.09 -8.85
N PRO A 252 -9.32 -20.78 -8.68
CA PRO A 252 -8.12 -19.93 -8.69
C PRO A 252 -7.34 -20.06 -7.37
N VAL A 253 -6.04 -20.27 -7.49
CA VAL A 253 -5.16 -20.39 -6.33
C VAL A 253 -3.96 -19.47 -6.52
N LEU A 254 -3.00 -19.56 -5.59
CA LEU A 254 -1.79 -18.76 -5.63
C LEU A 254 -0.57 -19.65 -5.40
N SER A 255 0.57 -19.19 -5.88
CA SER A 255 1.82 -19.90 -5.67
C SER A 255 2.24 -19.80 -4.20
N LYS A 256 3.19 -20.66 -3.81
CA LYS A 256 3.60 -20.70 -2.41
C LYS A 256 4.28 -19.40 -1.97
N MET A 257 5.01 -18.73 -2.87
CA MET A 257 5.58 -17.43 -2.54
C MET A 257 4.48 -16.41 -2.32
N HIS A 258 3.47 -16.38 -3.19
CA HIS A 258 2.33 -15.51 -2.98
C HIS A 258 1.59 -15.85 -1.70
N GLN A 259 1.55 -17.14 -1.33
CA GLN A 259 0.92 -17.52 -0.06
C GLN A 259 1.72 -16.99 1.12
N ARG A 260 3.06 -17.07 1.06
CA ARG A 260 3.89 -16.47 2.10
C ARG A 260 3.60 -14.98 2.23
N LEU A 261 3.52 -14.28 1.10
CA LEU A 261 3.25 -12.85 1.13
C LEU A 261 1.85 -12.56 1.69
N ILE A 262 0.87 -13.40 1.34
CA ILE A 262 -0.48 -13.22 1.87
C ILE A 262 -0.50 -13.41 3.38
N PHE A 263 0.25 -14.40 3.87
CA PHE A 263 0.33 -14.61 5.31
C PHE A 263 0.99 -13.41 6.00
N ARG A 264 2.09 -12.92 5.43
CA ARG A 264 2.75 -11.75 5.99
C ARG A 264 1.82 -10.54 6.03
N LEU A 265 0.98 -10.39 5.01
CA LEU A 265 0.03 -9.29 4.98
C LEU A 265 -1.11 -9.50 5.98
N LEU A 266 -1.54 -10.75 6.14
CA LEU A 266 -2.59 -11.05 7.12
C LEU A 266 -2.12 -10.78 8.54
N LYS A 267 -0.82 -11.00 8.82
CA LYS A 267 -0.29 -10.63 10.13
C LYS A 267 -0.38 -9.13 10.35
N LEU A 268 -0.27 -8.32 9.29
CA LEU A 268 -0.44 -6.88 9.40
C LEU A 268 -1.90 -6.45 9.39
N GLU A 269 -2.83 -7.38 9.16
CA GLU A 269 -4.27 -7.11 9.22
C GLU A 269 -4.67 -6.01 8.24
N VAL A 270 -4.27 -6.18 6.99
CA VAL A 270 -4.57 -5.22 5.94
C VAL A 270 -5.87 -5.63 5.25
N GLN A 271 -6.42 -4.74 4.41
CA GLN A 271 -7.59 -5.03 3.62
C GLN A 271 -7.17 -5.42 2.21
N PHE A 272 -7.71 -6.52 1.72
CA PHE A 272 -7.36 -7.03 0.39
C PHE A 272 -8.36 -6.56 -0.64
N ILE A 273 -7.84 -6.14 -1.79
CA ILE A 273 -8.65 -5.53 -2.85
C ILE A 273 -8.45 -6.35 -4.12
N ILE A 274 -9.50 -7.06 -4.54
CA ILE A 274 -9.45 -7.84 -5.76
C ILE A 274 -9.74 -6.92 -6.94
N THR A 275 -8.82 -6.90 -7.91
CA THR A 275 -9.00 -6.10 -9.11
C THR A 275 -8.87 -6.98 -10.34
N GLY A 276 -9.44 -6.51 -11.45
CA GLY A 276 -9.46 -7.25 -12.69
C GLY A 276 -10.77 -7.99 -12.92
N THR A 277 -10.89 -8.56 -14.11
CA THR A 277 -12.08 -9.30 -14.47
C THR A 277 -11.95 -10.78 -14.07
N ASN A 278 -13.05 -11.51 -14.23
CA ASN A 278 -13.08 -12.93 -13.90
C ASN A 278 -12.46 -13.71 -15.05
N HIS A 279 -11.23 -14.17 -14.87
CA HIS A 279 -10.56 -14.97 -15.89
C HIS A 279 -10.91 -16.45 -15.79
N HIS A 280 -11.14 -16.97 -14.58
CA HIS A 280 -11.66 -18.32 -14.40
C HIS A 280 -13.18 -18.24 -14.53
N SER A 281 -13.63 -18.12 -15.79
CA SER A 281 -15.03 -17.79 -16.05
C SER A 281 -15.98 -18.95 -15.78
N GLU A 282 -15.48 -20.19 -15.77
CA GLU A 282 -16.36 -21.32 -15.45
C GLU A 282 -16.82 -21.28 -14.01
N LYS A 283 -16.02 -20.72 -13.11
CA LYS A 283 -16.38 -20.57 -11.71
C LYS A 283 -16.89 -19.16 -11.45
N GLU A 284 -17.67 -19.03 -10.36
CA GLU A 284 -18.15 -17.73 -9.96
C GLU A 284 -16.99 -16.85 -9.50
N PHE A 285 -17.25 -15.54 -9.44
CA PHE A 285 -16.18 -14.60 -9.13
C PHE A 285 -15.80 -14.60 -7.65
N CYS A 286 -16.71 -14.99 -6.76
CA CYS A 286 -16.40 -15.04 -5.34
C CYS A 286 -15.31 -16.04 -5.02
N SER A 287 -15.06 -17.00 -5.93
CA SER A 287 -14.03 -18.02 -5.72
C SER A 287 -12.71 -17.40 -5.27
N TYR A 288 -12.22 -16.41 -6.04
CA TYR A 288 -11.04 -15.65 -5.65
C TYR A 288 -11.08 -15.29 -4.17
N LEU A 289 -12.11 -14.52 -3.79
CA LEU A 289 -12.26 -14.11 -2.40
C LEU A 289 -12.24 -15.31 -1.47
N GLN A 290 -12.99 -16.36 -1.82
CA GLN A 290 -13.04 -17.55 -0.98
C GLN A 290 -11.64 -18.08 -0.69
N TYR A 291 -10.79 -18.10 -1.72
CA TYR A 291 -9.43 -18.59 -1.53
C TYR A 291 -8.74 -17.82 -0.40
N LEU A 292 -8.84 -16.49 -0.42
CA LEU A 292 -8.28 -15.69 0.66
C LEU A 292 -8.82 -16.15 2.01
N GLU A 293 -10.14 -16.28 2.12
CA GLU A 293 -10.74 -16.79 3.35
C GLU A 293 -10.11 -18.11 3.74
N TYR A 294 -9.99 -19.02 2.77
CA TYR A 294 -9.28 -20.27 2.98
C TYR A 294 -7.91 -20.01 3.57
N LEU A 295 -7.09 -19.22 2.86
CA LEU A 295 -5.75 -18.92 3.33
C LEU A 295 -5.77 -18.27 4.71
N SER A 296 -6.85 -17.55 5.04
CA SER A 296 -6.93 -16.92 6.35
C SER A 296 -7.33 -17.93 7.41
N GLN A 297 -8.25 -18.83 7.09
CA GLN A 297 -8.75 -19.77 8.09
C GLN A 297 -7.83 -20.96 8.29
N ASN A 298 -6.72 -21.02 7.56
CA ASN A 298 -5.69 -22.03 7.77
C ASN A 298 -4.34 -21.39 8.05
N ARG A 299 -4.34 -20.10 8.44
CA ARG A 299 -3.11 -19.44 8.83
C ARG A 299 -2.64 -20.00 10.19
N PRO A 300 -1.34 -19.94 10.47
CA PRO A 300 -0.82 -20.50 11.72
C PRO A 300 -1.50 -19.87 12.93
N PRO A 301 -2.14 -20.68 13.78
CA PRO A 301 -2.82 -20.14 14.95
C PRO A 301 -1.83 -19.48 15.90
N PRO A 302 -2.18 -18.31 16.43
CA PRO A 302 -1.23 -17.61 17.31
C PRO A 302 -1.07 -18.30 18.65
N ASN A 303 0.08 -18.04 19.28
CA ASN A 303 0.36 -18.59 20.58
C ASN A 303 -0.39 -17.80 21.66
N ALA A 304 -0.19 -18.19 22.93
CA ALA A 304 -0.85 -17.51 24.03
C ALA A 304 -0.39 -16.06 24.13
N TYR A 305 0.88 -15.79 23.84
CA TYR A 305 1.40 -14.43 23.92
C TYR A 305 0.75 -13.53 22.87
N GLU A 306 0.61 -14.02 21.64
CA GLU A 306 0.01 -13.21 20.58
C GLU A 306 -1.47 -12.96 20.83
N LEU A 307 -2.18 -13.96 21.37
CA LEU A 307 -3.57 -13.73 21.77
C LEU A 307 -3.66 -12.73 22.90
N PHE A 308 -2.72 -12.79 23.85
CA PHE A 308 -2.76 -11.88 24.99
C PHE A 308 -2.46 -10.44 24.56
N ALA A 309 -1.56 -10.26 23.60
CA ALA A 309 -1.11 -8.94 23.18
C ALA A 309 -1.67 -8.52 21.83
N LYS A 310 -2.83 -9.07 21.46
CA LYS A 310 -3.40 -8.76 20.15
C LYS A 310 -3.82 -7.30 20.05
N GLY A 311 -4.64 -6.84 20.98
CA GLY A 311 -5.13 -5.46 20.94
C GLY A 311 -4.11 -4.40 21.29
N TYR A 312 -2.90 -4.78 21.70
CA TYR A 312 -1.88 -3.83 22.10
C TYR A 312 -0.74 -3.73 21.09
N GLU A 313 -0.96 -4.21 19.86
CA GLU A 313 0.09 -4.18 18.84
C GLU A 313 0.41 -2.74 18.48
N ASP A 314 1.69 -2.38 18.57
CA ASP A 314 2.17 -1.04 18.25
C ASP A 314 1.45 0.04 19.05
N TYR A 315 1.06 -0.26 20.29
CA TYR A 315 0.38 0.68 21.16
C TYR A 315 1.39 1.25 22.14
N LEU A 316 1.67 2.55 22.03
CA LEU A 316 2.66 3.20 22.87
C LEU A 316 2.13 3.41 24.27
N GLN A 317 2.93 3.03 25.27
CA GLN A 317 2.60 3.28 26.67
C GLN A 317 3.84 3.75 27.40
N SER A 318 3.64 4.60 28.40
CA SER A 318 4.75 5.06 29.22
C SER A 318 5.22 3.93 30.13
N PRO A 319 6.53 3.80 30.35
CA PRO A 319 7.02 2.73 31.22
C PRO A 319 6.56 2.94 32.66
N LEU A 320 6.22 1.84 33.32
CA LEU A 320 5.83 1.90 34.71
C LEU A 320 7.04 2.20 35.59
N GLN A 321 6.81 2.97 36.66
CA GLN A 321 7.83 3.27 37.66
C GLN A 321 7.30 2.83 39.01
N PRO A 322 7.38 1.54 39.32
CA PRO A 322 6.84 1.04 40.59
C PRO A 322 7.55 1.56 41.82
N LEU A 323 8.74 2.14 41.67
CA LEU A 323 9.42 2.73 42.83
C LEU A 323 8.83 4.10 43.17
N MET A 324 8.67 4.96 42.16
CA MET A 324 8.12 6.28 42.40
C MET A 324 6.60 6.26 42.56
N ASP A 325 5.92 5.37 41.84
CA ASP A 325 4.47 5.29 41.86
C ASP A 325 4.01 3.97 42.49
N ASN A 326 2.78 3.99 42.99
CA ASN A 326 2.14 2.80 43.54
C ASN A 326 1.26 2.19 42.45
N LEU A 327 1.58 0.95 42.08
CA LEU A 327 0.84 0.28 41.00
C LEU A 327 -0.58 -0.05 41.45
N GLU A 328 -1.49 -0.08 40.47
CA GLU A 328 -2.88 -0.39 40.75
C GLU A 328 -3.08 -1.90 40.89
N SER A 329 -4.28 -2.28 41.33
CA SER A 329 -4.55 -3.68 41.60
C SER A 329 -4.52 -4.53 40.33
N GLN A 330 -5.05 -4.01 39.22
CA GLN A 330 -5.09 -4.77 37.99
C GLN A 330 -3.73 -4.90 37.33
N THR A 331 -2.80 -3.98 37.60
CA THR A 331 -1.43 -4.15 37.13
C THR A 331 -0.77 -5.33 37.82
N TYR A 332 -0.93 -5.42 39.15
CA TYR A 332 -0.47 -6.60 39.86
C TYR A 332 -1.17 -7.86 39.36
N GLU A 333 -2.46 -7.74 39.01
CA GLU A 333 -3.19 -8.89 38.48
C GLU A 333 -2.59 -9.37 37.16
N VAL A 334 -2.23 -8.43 36.28
CA VAL A 334 -1.55 -8.78 35.04
C VAL A 334 -0.21 -9.46 35.35
N PHE A 335 0.52 -8.93 36.33
CA PHE A 335 1.82 -9.51 36.68
C PHE A 335 1.67 -10.93 37.23
N GLU A 336 0.56 -11.21 37.93
CA GLU A 336 0.40 -12.49 38.61
C GLU A 336 0.01 -13.61 37.65
N LYS A 337 -0.87 -13.31 36.69
CA LYS A 337 -1.32 -14.32 35.73
C LYS A 337 -0.24 -14.52 34.67
N ASP A 338 0.87 -15.09 35.12
CA ASP A 338 2.03 -15.37 34.26
C ASP A 338 2.73 -16.60 34.80
N PRO A 339 2.16 -17.79 34.55
CA PRO A 339 2.63 -18.99 35.26
C PRO A 339 4.06 -19.41 34.91
N ILE A 340 4.54 -19.10 33.70
CA ILE A 340 5.88 -19.51 33.31
C ILE A 340 6.93 -18.81 34.17
N LYS A 341 6.77 -17.50 34.37
CA LYS A 341 7.73 -16.73 35.16
C LYS A 341 7.80 -17.23 36.59
N TYR A 342 6.66 -17.47 37.22
CA TYR A 342 6.66 -17.92 38.60
C TYR A 342 7.09 -19.37 38.73
N SER A 343 6.86 -20.20 37.71
CA SER A 343 7.43 -21.54 37.70
C SER A 343 8.95 -21.47 37.66
N GLN A 344 9.49 -20.56 36.86
CA GLN A 344 10.95 -20.38 36.82
C GLN A 344 11.49 -19.89 38.15
N TYR A 345 10.80 -18.92 38.76
CA TYR A 345 11.22 -18.44 40.08
C TYR A 345 11.19 -19.55 41.12
N GLN A 346 10.13 -20.37 41.11
CA GLN A 346 10.02 -21.47 42.06
C GLN A 346 11.13 -22.48 41.84
N GLN A 347 11.45 -22.79 40.57
CA GLN A 347 12.53 -23.72 40.30
C GLN A 347 13.88 -23.19 40.76
N ALA A 348 14.10 -21.88 40.58
CA ALA A 348 15.34 -21.27 41.04
C ALA A 348 15.46 -21.35 42.56
N ILE A 349 14.37 -21.01 43.27
CA ILE A 349 14.39 -21.09 44.72
C ILE A 349 14.59 -22.53 45.19
N TYR A 350 13.99 -23.49 44.47
CA TYR A 350 14.15 -24.90 44.81
C TYR A 350 15.60 -25.34 44.68
N LYS A 351 16.24 -24.99 43.55
CA LYS A 351 17.65 -25.34 43.37
C LYS A 351 18.52 -24.67 44.42
N CYS A 352 18.25 -23.41 44.74
CA CYS A 352 19.07 -22.72 45.73
C CYS A 352 18.91 -23.32 47.11
N LEU A 353 17.69 -23.67 47.49
CA LEU A 353 17.46 -24.31 48.79
C LEU A 353 18.17 -25.67 48.86
N LEU A 354 18.14 -26.42 47.76
CA LEU A 354 18.87 -27.70 47.77
C LEU A 354 20.37 -27.49 47.82
N ASP A 355 20.86 -26.39 47.24
CA ASP A 355 22.30 -26.12 47.25
C ASP A 355 22.78 -25.67 48.62
N ARG A 356 21.96 -24.92 49.36
CA ARG A 356 22.43 -24.33 50.61
C ARG A 356 22.24 -25.23 51.83
N VAL A 357 21.25 -26.13 51.81
CA VAL A 357 20.96 -26.96 52.96
C VAL A 357 21.23 -28.42 52.58
N PRO A 358 22.21 -29.07 53.20
CA PRO A 358 22.39 -30.51 52.96
C PRO A 358 21.21 -31.32 53.48
N GLU A 359 21.17 -32.58 53.07
CA GLU A 359 20.06 -33.44 53.43
C GLU A 359 20.00 -33.69 54.94
N GLU A 360 21.17 -33.85 55.58
CA GLU A 360 21.21 -34.11 57.01
C GLU A 360 20.85 -32.90 57.85
N GLU A 361 20.78 -31.71 57.25
CA GLU A 361 20.42 -30.48 57.97
C GLU A 361 19.03 -29.98 57.61
N LYS A 362 18.20 -30.81 56.96
CA LYS A 362 16.91 -30.33 56.47
C LYS A 362 15.96 -29.99 57.62
N ASP A 363 16.15 -30.61 58.78
CA ASP A 363 15.30 -30.32 59.94
C ASP A 363 15.89 -29.25 60.85
N THR A 364 17.22 -29.09 60.83
CA THR A 364 17.87 -28.13 61.72
C THR A 364 18.06 -26.77 61.09
N ASN A 365 18.25 -26.70 59.77
CA ASN A 365 18.57 -25.46 59.08
C ASN A 365 17.29 -24.85 58.51
N VAL A 366 16.97 -23.63 58.95
CA VAL A 366 15.82 -22.88 58.47
C VAL A 366 16.36 -21.69 57.71
N GLN A 367 16.15 -21.68 56.39
CA GLN A 367 16.66 -20.61 55.54
C GLN A 367 15.82 -19.35 55.71
N VAL A 368 16.49 -18.20 55.75
CA VAL A 368 15.83 -16.91 55.80
C VAL A 368 15.66 -16.40 54.38
N LEU A 369 14.42 -16.24 53.96
CA LEU A 369 14.08 -15.85 52.59
C LEU A 369 13.26 -14.57 52.63
N MET A 370 13.73 -13.55 51.92
CA MET A 370 13.09 -12.24 51.93
C MET A 370 12.66 -11.88 50.52
N VAL A 371 11.35 -11.67 50.34
CA VAL A 371 10.81 -11.21 49.06
C VAL A 371 10.81 -9.70 49.08
N LEU A 372 11.65 -9.08 48.27
CA LEU A 372 11.81 -7.63 48.21
C LEU A 372 10.97 -7.10 47.06
N GLY A 373 9.84 -6.49 47.38
CA GLY A 373 8.89 -6.08 46.38
C GLY A 373 7.87 -7.18 46.12
N ALA A 374 7.16 -7.57 47.18
CA ALA A 374 6.26 -8.73 47.11
C ALA A 374 4.97 -8.45 46.36
N GLY A 375 4.58 -7.19 46.22
CA GLY A 375 3.33 -6.88 45.55
C GLY A 375 2.16 -7.44 46.34
N ARG A 376 1.38 -8.31 45.70
CA ARG A 376 0.29 -9.01 46.38
C ARG A 376 0.68 -10.42 46.79
N GLY A 377 1.94 -10.81 46.60
CA GLY A 377 2.47 -12.04 47.12
C GLY A 377 2.41 -13.26 46.22
N PRO A 378 2.85 -13.15 44.94
CA PRO A 378 3.01 -14.37 44.14
C PRO A 378 4.36 -15.03 44.39
N LEU A 379 5.40 -14.21 44.60
CA LEU A 379 6.71 -14.74 44.93
C LEU A 379 6.70 -15.42 46.30
N VAL A 380 5.85 -14.95 47.22
CA VAL A 380 5.76 -15.60 48.53
C VAL A 380 5.22 -17.02 48.38
N ASN A 381 4.14 -17.17 47.60
CA ASN A 381 3.60 -18.50 47.35
C ASN A 381 4.57 -19.36 46.55
N ALA A 382 5.32 -18.75 45.63
CA ALA A 382 6.35 -19.50 44.90
C ALA A 382 7.42 -20.02 45.84
N SER A 383 7.84 -19.19 46.80
CA SER A 383 8.83 -19.62 47.78
C SER A 383 8.29 -20.73 48.66
N LEU A 384 7.02 -20.64 49.06
CA LEU A 384 6.41 -21.69 49.86
C LEU A 384 6.34 -23.01 49.09
N ARG A 385 5.95 -22.95 47.81
CA ARG A 385 5.90 -24.16 47.00
C ARG A 385 7.30 -24.73 46.78
N ALA A 386 8.30 -23.87 46.62
CA ALA A 386 9.66 -24.36 46.45
C ALA A 386 10.17 -25.02 47.73
N ALA A 387 9.80 -24.47 48.89
CA ALA A 387 10.18 -25.08 50.15
C ALA A 387 9.51 -26.44 50.33
N LYS A 388 8.23 -26.54 49.96
CA LYS A 388 7.54 -27.83 50.05
C LYS A 388 8.13 -28.84 49.07
N GLN A 389 8.56 -28.38 47.89
CA GLN A 389 9.10 -29.27 46.87
C GLN A 389 10.51 -29.74 47.23
N ALA A 390 11.31 -28.87 47.82
CA ALA A 390 12.69 -29.20 48.19
C ALA A 390 12.79 -29.88 49.55
N ASP A 391 11.67 -30.01 50.27
CA ASP A 391 11.66 -30.60 51.62
C ASP A 391 12.63 -29.86 52.55
N ARG A 392 12.55 -28.53 52.51
CA ARG A 392 13.39 -27.67 53.33
C ARG A 392 12.53 -26.65 54.05
N ARG A 393 12.99 -26.22 55.22
CA ARG A 393 12.26 -25.27 56.05
C ARG A 393 12.76 -23.86 55.79
N ILE A 394 11.81 -22.91 55.65
CA ILE A 394 12.13 -21.53 55.32
C ILE A 394 11.40 -20.60 56.28
N LYS A 395 11.94 -19.38 56.42
CA LYS A 395 11.30 -18.30 57.14
C LYS A 395 11.19 -17.11 56.20
N LEU A 396 9.98 -16.62 55.99
CA LEU A 396 9.68 -15.68 54.91
C LEU A 396 9.47 -14.27 55.43
N TYR A 397 10.11 -13.30 54.79
CA TYR A 397 9.81 -11.88 54.95
C TYR A 397 9.31 -11.36 53.61
N ALA A 398 8.14 -10.71 53.63
CA ALA A 398 7.53 -10.14 52.43
C ALA A 398 7.56 -8.63 52.56
N VAL A 399 8.51 -8.00 51.87
CA VAL A 399 8.74 -6.55 51.98
C VAL A 399 8.05 -5.87 50.81
N GLU A 400 7.21 -4.88 51.10
CA GLU A 400 6.52 -4.12 50.06
C GLU A 400 6.28 -2.71 50.56
N LYS A 401 6.65 -1.72 49.73
CA LYS A 401 6.47 -0.32 50.11
C LYS A 401 5.11 0.22 49.73
N ASN A 402 4.41 -0.41 48.79
CA ASN A 402 3.07 -0.01 48.39
C ASN A 402 2.06 -0.48 49.44
N PRO A 403 1.49 0.41 50.24
CA PRO A 403 0.59 -0.04 51.31
C PRO A 403 -0.70 -0.64 50.79
N ASN A 404 -1.16 -0.22 49.61
CA ASN A 404 -2.38 -0.79 49.04
C ASN A 404 -2.21 -2.28 48.77
N ALA A 405 -1.04 -2.68 48.30
CA ALA A 405 -0.72 -4.10 48.16
C ALA A 405 -0.37 -4.75 49.50
N VAL A 406 0.11 -3.96 50.47
CA VAL A 406 0.33 -4.48 51.81
C VAL A 406 -0.99 -4.92 52.43
N VAL A 407 -2.10 -4.27 52.06
CA VAL A 407 -3.42 -4.71 52.51
C VAL A 407 -3.67 -6.15 52.07
N THR A 408 -3.46 -6.43 50.79
CA THR A 408 -3.64 -7.78 50.27
C THR A 408 -2.66 -8.76 50.93
N LEU A 409 -1.41 -8.33 51.11
CA LEU A 409 -0.42 -9.19 51.75
C LEU A 409 -0.84 -9.57 53.16
N GLU A 410 -1.34 -8.60 53.93
CA GLU A 410 -1.70 -8.88 55.32
C GLU A 410 -2.98 -9.68 55.43
N ASN A 411 -3.92 -9.48 54.50
CA ASN A 411 -5.09 -10.35 54.47
C ASN A 411 -4.69 -11.80 54.15
N TRP A 412 -3.79 -11.98 53.18
CA TRP A 412 -3.22 -13.29 52.90
C TRP A 412 -2.58 -13.89 54.14
N GLN A 413 -1.79 -13.09 54.86
CA GLN A 413 -1.04 -13.59 55.99
C GLN A 413 -1.96 -13.99 57.15
N PHE A 414 -3.01 -13.21 57.39
CA PHE A 414 -3.94 -13.56 58.46
C PHE A 414 -4.80 -14.76 58.07
N GLU A 415 -5.16 -14.89 56.80
CA GLU A 415 -6.08 -15.94 56.40
C GLU A 415 -5.40 -17.25 56.04
N GLU A 416 -4.18 -17.22 55.51
CA GLU A 416 -3.57 -18.44 54.99
C GLU A 416 -2.15 -18.67 55.50
N TRP A 417 -1.27 -17.67 55.30
CA TRP A 417 0.15 -17.88 55.55
C TRP A 417 0.43 -18.15 57.03
N GLY A 418 0.10 -17.18 57.88
CA GLY A 418 0.38 -17.31 59.30
C GLY A 418 1.69 -16.65 59.68
N SER A 419 2.23 -17.09 60.82
CA SER A 419 3.46 -16.51 61.35
C SER A 419 4.69 -16.86 60.52
N GLN A 420 4.56 -17.79 59.56
CA GLN A 420 5.70 -18.13 58.71
C GLN A 420 6.11 -16.97 57.83
N VAL A 421 5.16 -16.10 57.46
CA VAL A 421 5.42 -14.95 56.61
C VAL A 421 5.26 -13.69 57.45
N THR A 422 6.32 -12.89 57.52
CA THR A 422 6.29 -11.60 58.19
C THR A 422 6.21 -10.50 57.14
N VAL A 423 5.13 -9.74 57.15
CA VAL A 423 4.90 -8.69 56.18
C VAL A 423 5.54 -7.40 56.68
N VAL A 424 6.36 -6.78 55.83
CA VAL A 424 7.10 -5.57 56.17
C VAL A 424 6.68 -4.48 55.18
N SER A 425 5.93 -3.50 55.67
CA SER A 425 5.46 -2.38 54.85
C SER A 425 6.46 -1.23 54.99
N SER A 426 7.51 -1.30 54.18
CA SER A 426 8.54 -0.27 54.18
C SER A 426 9.36 -0.38 52.91
N ASP A 427 10.23 0.61 52.70
CA ASP A 427 11.16 0.59 51.59
C ASP A 427 12.33 -0.31 51.92
N MET A 428 12.73 -1.15 50.96
CA MET A 428 13.82 -2.09 51.18
C MET A 428 15.15 -1.41 51.39
N ARG A 429 15.28 -0.14 51.00
CA ARG A 429 16.50 0.62 51.20
C ARG A 429 16.55 1.32 52.56
N GLU A 430 15.43 1.36 53.28
CA GLU A 430 15.37 1.94 54.60
C GLU A 430 15.05 0.93 55.69
N TRP A 431 14.60 -0.27 55.34
CA TRP A 431 14.16 -1.24 56.32
C TRP A 431 15.31 -1.71 57.20
N VAL A 432 15.11 -1.66 58.51
CA VAL A 432 16.06 -2.20 59.47
C VAL A 432 15.63 -3.64 59.75
N ALA A 433 16.25 -4.58 59.07
CA ALA A 433 15.84 -5.97 59.19
C ALA A 433 16.26 -6.54 60.56
N PRO A 434 15.41 -7.31 61.21
CA PRO A 434 15.79 -7.92 62.50
C PRO A 434 16.85 -9.00 62.36
N GLU A 435 17.01 -9.56 61.17
CA GLU A 435 18.03 -10.57 60.93
C GLU A 435 18.46 -10.49 59.46
N LYS A 436 19.46 -11.28 59.09
CA LYS A 436 19.98 -11.27 57.74
C LYS A 436 19.41 -12.46 56.96
N ALA A 437 19.30 -12.28 55.64
CA ALA A 437 18.62 -13.21 54.77
C ALA A 437 19.60 -14.18 54.12
N ASP A 438 19.21 -15.46 54.08
CA ASP A 438 19.94 -16.42 53.26
C ASP A 438 19.71 -16.17 51.79
N ILE A 439 18.47 -15.86 51.40
CA ILE A 439 18.09 -15.61 50.03
C ILE A 439 17.23 -14.35 49.99
N ILE A 440 17.50 -13.48 49.01
CA ILE A 440 16.61 -12.37 48.67
C ILE A 440 16.07 -12.63 47.27
N VAL A 441 14.77 -12.42 47.10
CA VAL A 441 14.09 -12.67 45.83
C VAL A 441 13.34 -11.41 45.43
N SER A 442 13.61 -10.92 44.22
CA SER A 442 13.03 -9.69 43.74
C SER A 442 12.46 -9.89 42.34
N GLU A 443 11.57 -8.97 41.96
CA GLU A 443 10.92 -8.97 40.65
C GLU A 443 10.91 -7.56 40.06
N LEU A 444 11.96 -6.79 40.33
CA LEU A 444 12.00 -5.37 40.04
C LEU A 444 12.53 -5.05 38.64
N LEU A 445 12.45 -5.99 37.71
CA LEU A 445 12.99 -5.80 36.38
C LEU A 445 11.95 -5.20 35.45
N GLY A 446 12.37 -4.22 34.65
CA GLY A 446 11.54 -3.65 33.62
C GLY A 446 11.84 -4.24 32.26
N SER A 447 11.22 -3.64 31.23
CA SER A 447 11.45 -4.10 29.87
C SER A 447 12.90 -3.92 29.44
N PHE A 448 13.58 -2.92 29.99
CA PHE A 448 14.99 -2.67 29.73
C PHE A 448 15.86 -3.09 30.91
N ALA A 449 15.46 -4.16 31.59
CA ALA A 449 16.14 -4.71 32.77
C ALA A 449 16.17 -3.72 33.93
N ASP A 450 17.09 -2.76 33.89
CA ASP A 450 17.33 -1.87 35.01
C ASP A 450 16.53 -0.57 34.94
N ASN A 451 15.61 -0.43 33.98
CA ASN A 451 14.90 0.83 33.80
C ASN A 451 13.89 1.11 34.91
N GLU A 452 13.70 0.18 35.85
CA GLU A 452 12.87 0.43 37.03
C GLU A 452 13.69 0.50 38.30
N LEU A 453 15.01 0.68 38.18
CA LEU A 453 15.93 0.93 39.28
C LEU A 453 16.06 -0.26 40.23
N SER A 454 15.98 -1.47 39.68
CA SER A 454 16.32 -2.65 40.48
C SER A 454 17.74 -2.63 41.02
N PRO A 455 18.76 -2.17 40.29
CA PRO A 455 20.11 -2.10 40.90
C PRO A 455 20.17 -1.28 42.18
N GLU A 456 19.60 -0.07 42.18
CA GLU A 456 19.68 0.78 43.37
C GLU A 456 18.91 0.16 44.53
N CYS A 457 17.73 -0.41 44.25
CA CYS A 457 16.93 -1.03 45.29
C CYS A 457 17.66 -2.21 45.92
N LEU A 458 18.22 -3.10 45.08
CA LEU A 458 18.94 -4.24 45.61
C LEU A 458 20.27 -3.84 46.25
N ASP A 459 20.81 -2.67 45.90
CA ASP A 459 22.00 -2.18 46.59
C ASP A 459 21.65 -1.68 47.98
N GLY A 460 20.54 -0.94 48.11
CA GLY A 460 20.13 -0.49 49.43
C GLY A 460 19.74 -1.62 50.35
N ALA A 461 19.28 -2.74 49.79
CA ALA A 461 18.89 -3.91 50.55
C ALA A 461 20.02 -4.89 50.77
N GLN A 462 21.22 -4.58 50.26
CA GLN A 462 22.33 -5.54 50.29
C GLN A 462 22.91 -5.73 51.69
N HIS A 463 22.68 -4.78 52.60
CA HIS A 463 23.36 -4.84 53.89
C HIS A 463 22.79 -5.92 54.80
N PHE A 464 21.50 -6.25 54.67
CA PHE A 464 20.92 -7.33 55.46
C PHE A 464 20.93 -8.67 54.72
N LEU A 465 21.81 -8.83 53.74
CA LEU A 465 22.06 -10.12 53.12
C LEU A 465 23.32 -10.73 53.73
N LYS A 466 23.30 -12.04 53.94
CA LYS A 466 24.44 -12.72 54.54
C LYS A 466 25.67 -12.58 53.66
N ASP A 467 26.84 -12.84 54.26
CA ASP A 467 28.09 -12.77 53.51
C ASP A 467 28.11 -13.76 52.36
N ASP A 468 27.43 -14.89 52.50
CA ASP A 468 27.28 -15.87 51.44
C ASP A 468 25.86 -15.91 50.89
N GLY A 469 25.09 -14.83 51.06
CA GLY A 469 23.71 -14.82 50.63
C GLY A 469 23.58 -14.86 49.11
N VAL A 470 22.38 -15.21 48.68
CA VAL A 470 22.07 -15.36 47.26
C VAL A 470 20.94 -14.39 46.90
N SER A 471 21.06 -13.79 45.72
CA SER A 471 20.04 -12.91 45.16
C SER A 471 19.43 -13.56 43.93
N ILE A 472 18.10 -13.63 43.89
CA ILE A 472 17.36 -14.15 42.75
C ILE A 472 16.45 -13.04 42.24
N PRO A 473 16.72 -12.45 41.07
CA PRO A 473 17.74 -12.82 40.07
C PRO A 473 19.17 -12.52 40.50
N GLY A 474 20.12 -13.31 40.00
CA GLY A 474 21.52 -13.08 40.29
C GLY A 474 22.17 -12.16 39.28
N GLU A 475 21.62 -12.09 38.07
CA GLU A 475 22.20 -11.24 37.05
C GLU A 475 21.12 -10.83 36.06
N TYR A 476 21.30 -9.66 35.44
CA TYR A 476 20.45 -9.30 34.31
C TYR A 476 21.23 -8.42 33.34
N THR A 477 20.80 -8.44 32.08
CA THR A 477 21.49 -7.76 30.99
C THR A 477 20.48 -7.25 29.98
N SER A 478 20.59 -5.98 29.62
CA SER A 478 19.71 -5.39 28.62
C SER A 478 20.29 -5.57 27.21
N PHE A 479 19.40 -5.54 26.22
CA PHE A 479 19.76 -5.75 24.83
C PHE A 479 19.09 -4.70 23.96
N LEU A 480 19.81 -4.25 22.93
CA LEU A 480 19.32 -3.24 22.01
C LEU A 480 19.43 -3.73 20.57
N ALA A 481 18.50 -3.29 19.73
CA ALA A 481 18.50 -3.63 18.32
C ALA A 481 17.89 -2.50 17.49
N PRO A 482 18.60 -1.98 16.50
CA PRO A 482 18.02 -0.91 15.68
C PRO A 482 16.88 -1.43 14.81
N ILE A 483 15.79 -0.65 14.76
CA ILE A 483 14.59 -1.05 14.03
C ILE A 483 14.20 0.05 13.06
N SER A 484 13.37 -0.34 12.08
CA SER A 484 12.81 0.57 11.09
C SER A 484 11.29 0.45 11.15
N SER A 485 10.61 1.58 11.38
CA SER A 485 9.16 1.58 11.45
C SER A 485 8.69 3.03 11.33
N SER A 486 8.23 3.39 10.13
CA SER A 486 7.64 4.71 9.92
C SER A 486 6.32 4.85 10.68
N LYS A 487 5.62 3.73 10.89
CA LYS A 487 4.37 3.77 11.64
C LYS A 487 4.62 4.17 13.09
N LEU A 488 5.57 3.50 13.75
CA LEU A 488 5.88 3.84 15.14
C LEU A 488 6.49 5.23 15.25
N TYR A 489 7.29 5.62 14.26
CA TYR A 489 7.82 6.99 14.25
C TYR A 489 6.70 8.01 14.17
N ASN A 490 5.70 7.76 13.32
CA ASN A 490 4.59 8.68 13.20
C ASN A 490 3.73 8.71 14.46
N GLU A 491 3.59 7.56 15.13
CA GLU A 491 2.86 7.54 16.40
C GLU A 491 3.58 8.38 17.46
N VAL A 492 4.90 8.15 17.61
CA VAL A 492 5.68 8.95 18.55
C VAL A 492 5.56 10.43 18.21
N ARG A 493 5.65 10.77 16.92
CA ARG A 493 5.51 12.16 16.50
C ARG A 493 4.15 12.71 16.88
N ALA A 494 3.10 11.89 16.77
CA ALA A 494 1.76 12.32 17.16
C ALA A 494 1.61 12.48 18.66
N CYS A 495 2.49 11.85 19.45
CA CYS A 495 2.48 12.02 20.90
C CYS A 495 2.97 13.39 21.37
N ARG A 496 2.67 14.46 20.64
CA ARG A 496 3.08 15.80 21.06
C ARG A 496 2.03 16.40 21.98
N GLU A 497 2.48 16.96 23.10
CA GLU A 497 1.61 17.56 24.09
C GLU A 497 1.92 19.04 24.25
N LYS A 498 0.94 19.77 24.77
CA LYS A 498 1.11 21.18 25.07
C LYS A 498 1.87 21.34 26.39
N ASP A 499 2.35 22.56 26.63
CA ASP A 499 3.03 22.93 27.87
C ASP A 499 4.30 22.11 28.10
N ARG A 500 4.98 21.72 27.02
CA ARG A 500 6.26 21.04 27.13
C ARG A 500 6.99 21.15 25.80
N ASP A 501 8.20 20.61 25.77
CA ASP A 501 9.02 20.64 24.55
C ASP A 501 8.25 19.98 23.40
N PRO A 502 8.12 20.65 22.24
CA PRO A 502 7.42 20.04 21.11
C PRO A 502 8.05 18.75 20.61
N GLU A 503 9.26 18.41 21.04
CA GLU A 503 9.91 17.17 20.65
C GLU A 503 10.26 16.28 21.84
N ALA A 504 9.69 16.55 23.01
CA ALA A 504 10.00 15.74 24.19
C ALA A 504 9.55 14.29 24.04
N GLN A 505 8.57 14.03 23.16
CA GLN A 505 8.10 12.66 22.95
C GLN A 505 9.16 11.77 22.31
N PHE A 506 10.13 12.36 21.62
CA PHE A 506 11.20 11.58 21.00
C PHE A 506 12.32 11.24 21.98
N GLU A 507 12.37 11.89 23.14
CA GLU A 507 13.44 11.70 24.12
C GLU A 507 12.97 10.90 25.33
N MET A 508 12.07 9.93 25.12
CA MET A 508 11.58 9.10 26.20
C MET A 508 11.23 7.72 25.65
N PRO A 509 11.46 6.66 26.41
CA PRO A 509 11.13 5.32 25.93
C PRO A 509 9.65 5.01 26.08
N TYR A 510 9.21 4.00 25.34
CA TYR A 510 7.82 3.56 25.36
C TYR A 510 7.76 2.05 25.46
N VAL A 511 6.94 1.53 26.37
CA VAL A 511 6.66 0.11 26.42
C VAL A 511 5.60 -0.21 25.37
N VAL A 512 5.93 -1.11 24.45
CA VAL A 512 5.08 -1.33 23.29
C VAL A 512 5.29 -2.72 22.69
N ARG A 513 4.19 -3.41 22.39
N ARG A 513 4.19 -3.40 22.39
CA ARG A 513 4.25 -4.68 21.66
CA ARG A 513 4.24 -4.67 21.66
C ARG A 513 4.58 -4.38 20.21
C ARG A 513 4.59 -4.35 20.21
N LEU A 514 5.85 -4.54 19.86
CA LEU A 514 6.32 -4.22 18.51
C LEU A 514 5.71 -5.18 17.50
N HIS A 515 5.07 -4.62 16.47
CA HIS A 515 4.36 -5.43 15.48
C HIS A 515 4.84 -5.12 14.08
N ASN A 516 4.47 -3.95 13.55
CA ASN A 516 4.84 -3.54 12.19
C ASN A 516 6.18 -2.82 12.25
N PHE A 517 7.26 -3.58 12.20
CA PHE A 517 8.60 -3.02 12.25
C PHE A 517 9.56 -3.99 11.57
N HIS A 518 10.80 -3.54 11.41
CA HIS A 518 11.85 -4.32 10.75
C HIS A 518 13.11 -4.24 11.60
N GLN A 519 13.56 -5.38 12.11
CA GLN A 519 14.81 -5.43 12.85
C GLN A 519 15.98 -5.32 11.87
N LEU A 520 16.82 -4.32 12.06
CA LEU A 520 17.90 -4.03 11.12
C LEU A 520 19.20 -4.75 11.47
N SER A 521 19.36 -5.22 12.70
CA SER A 521 20.58 -5.92 13.09
C SER A 521 20.27 -6.78 14.30
N ALA A 522 21.14 -7.76 14.54
CA ALA A 522 20.95 -8.67 15.66
C ALA A 522 21.09 -7.92 16.98
N PRO A 523 20.25 -8.21 17.96
CA PRO A 523 20.37 -7.53 19.26
C PRO A 523 21.70 -7.82 19.93
N GLN A 524 22.21 -6.82 20.64
CA GLN A 524 23.47 -6.91 21.34
C GLN A 524 23.31 -6.46 22.78
N PRO A 525 24.08 -7.02 23.70
CA PRO A 525 23.95 -6.63 25.12
C PRO A 525 24.34 -5.19 25.34
N CYS A 526 23.63 -4.53 26.25
CA CYS A 526 23.87 -3.12 26.54
C CYS A 526 24.44 -2.95 27.95
N PHE A 527 23.61 -3.05 28.97
CA PHE A 527 24.02 -2.87 30.35
C PHE A 527 23.79 -4.15 31.14
N THR A 528 24.73 -4.48 32.02
CA THR A 528 24.68 -5.70 32.81
C THR A 528 24.84 -5.36 34.29
N PHE A 529 24.03 -5.99 35.13
CA PHE A 529 24.10 -5.81 36.57
C PHE A 529 24.06 -7.16 37.26
N SER A 530 24.83 -7.29 38.34
CA SER A 530 24.91 -8.50 39.13
C SER A 530 24.61 -8.18 40.59
N HIS A 531 24.10 -9.17 41.32
CA HIS A 531 23.76 -9.02 42.72
C HIS A 531 24.08 -10.32 43.44
N PRO A 532 24.72 -10.26 44.62
CA PRO A 532 25.16 -9.05 45.35
C PRO A 532 26.36 -8.37 44.71
N ASN A 533 26.50 -7.07 44.90
CA ASN A 533 27.60 -6.28 44.34
C ASN A 533 28.63 -6.05 45.43
N ARG A 534 29.60 -6.96 45.53
CA ARG A 534 30.66 -6.87 46.52
C ARG A 534 31.62 -5.71 46.27
N ASP A 535 31.56 -5.08 45.10
CA ASP A 535 32.48 -4.03 44.74
C ASP A 535 32.42 -2.89 45.77
N PRO A 536 33.55 -2.48 46.36
CA PRO A 536 33.50 -1.38 47.34
C PRO A 536 32.99 -0.07 46.75
N MET A 537 33.37 0.25 45.51
CA MET A 537 32.98 1.49 44.86
C MET A 537 31.84 1.17 43.89
N ILE A 538 30.62 1.15 44.40
CA ILE A 538 29.45 0.83 43.59
C ILE A 538 29.09 2.03 42.73
N ASP A 539 29.01 1.82 41.42
CA ASP A 539 28.66 2.87 40.47
C ASP A 539 27.78 2.25 39.40
N ASN A 540 26.51 2.66 39.36
CA ASN A 540 25.54 2.10 38.42
C ASN A 540 25.43 2.91 37.14
N ASN A 541 26.18 4.01 37.01
CA ASN A 541 26.24 4.72 35.74
C ASN A 541 26.92 3.86 34.69
N ARG A 542 26.50 4.02 33.43
CA ARG A 542 27.02 3.19 32.36
C ARG A 542 27.22 4.02 31.10
N TYR A 543 28.18 3.61 30.28
CA TYR A 543 28.41 4.19 28.96
C TYR A 543 28.78 3.06 28.01
N CYS A 544 27.96 2.87 26.97
CA CYS A 544 28.12 1.76 26.05
C CYS A 544 28.08 2.26 24.62
N THR A 545 28.93 1.68 23.78
CA THR A 545 28.99 1.99 22.35
C THR A 545 28.74 0.69 21.58
N LEU A 546 27.73 0.70 20.72
CA LEU A 546 27.30 -0.49 19.98
C LEU A 546 27.43 -0.25 18.49
N GLU A 547 27.99 -1.24 17.79
CA GLU A 547 28.15 -1.21 16.34
C GLU A 547 27.28 -2.31 15.75
N PHE A 548 26.21 -1.91 15.05
CA PHE A 548 25.27 -2.86 14.46
C PHE A 548 25.50 -2.96 12.96
N PRO A 549 25.95 -4.10 12.44
CA PRO A 549 26.05 -4.26 10.98
C PRO A 549 24.66 -4.33 10.36
N VAL A 550 24.46 -3.54 9.30
CA VAL A 550 23.20 -3.51 8.56
C VAL A 550 23.47 -3.92 7.12
N GLU A 551 22.70 -4.88 6.62
CA GLU A 551 22.89 -5.44 5.30
C GLU A 551 21.74 -5.13 4.35
N VAL A 552 20.95 -4.08 4.63
CA VAL A 552 19.83 -3.69 3.80
C VAL A 552 19.79 -2.18 3.70
N ASN A 553 19.12 -1.69 2.66
CA ASN A 553 18.76 -0.28 2.57
C ASN A 553 17.51 -0.04 3.40
N THR A 554 17.58 0.91 4.33
CA THR A 554 16.50 1.08 5.30
C THR A 554 16.56 2.49 5.88
N VAL A 555 15.61 2.77 6.77
CA VAL A 555 15.50 4.05 7.46
C VAL A 555 15.40 3.77 8.94
N LEU A 556 16.43 4.13 9.69
CA LEU A 556 16.44 3.96 11.15
C LEU A 556 15.51 4.97 11.81
N HIS A 557 14.62 4.47 12.67
CA HIS A 557 13.70 5.30 13.44
C HIS A 557 13.85 5.14 14.95
N GLY A 558 14.53 4.10 15.42
CA GLY A 558 14.67 3.89 16.84
C GLY A 558 15.34 2.57 17.15
N PHE A 559 15.35 2.24 18.43
CA PHE A 559 16.02 1.05 18.95
C PHE A 559 15.08 0.28 19.86
N ALA A 560 14.85 -0.99 19.55
CA ALA A 560 14.09 -1.87 20.42
C ALA A 560 14.97 -2.38 21.54
N GLY A 561 14.38 -2.51 22.73
CA GLY A 561 15.11 -2.94 23.91
C GLY A 561 14.45 -4.11 24.61
N TYR A 562 15.25 -5.11 24.92
CA TYR A 562 14.82 -6.33 25.60
C TYR A 562 15.74 -6.58 26.79
N PHE A 563 15.51 -7.69 27.49
CA PHE A 563 16.38 -8.04 28.60
C PHE A 563 16.43 -9.55 28.76
N GLU A 564 17.54 -10.02 29.35
CA GLU A 564 17.69 -11.37 29.85
C GLU A 564 18.07 -11.29 31.33
N THR A 565 17.78 -12.36 32.06
CA THR A 565 18.16 -12.41 33.46
C THR A 565 18.40 -13.84 33.90
N VAL A 566 19.46 -14.03 34.66
CA VAL A 566 19.77 -15.29 35.33
C VAL A 566 19.23 -15.18 36.75
N LEU A 567 18.16 -15.92 37.04
CA LEU A 567 17.61 -15.96 38.38
C LEU A 567 18.52 -16.78 39.30
N TYR A 568 18.92 -17.95 38.85
CA TYR A 568 19.86 -18.80 39.59
C TYR A 568 20.40 -19.86 38.66
N GLN A 569 21.70 -19.83 38.41
CA GLN A 569 22.38 -20.82 37.58
C GLN A 569 21.81 -20.88 36.17
N ASP A 570 21.20 -21.99 35.80
CA ASP A 570 20.65 -22.16 34.45
C ASP A 570 19.17 -21.78 34.36
N ILE A 571 18.59 -21.27 35.43
CA ILE A 571 17.20 -20.80 35.42
C ILE A 571 17.21 -19.34 34.98
N THR A 572 16.62 -19.05 33.82
CA THR A 572 16.69 -17.73 33.23
C THR A 572 15.30 -17.28 32.77
N LEU A 573 15.17 -15.97 32.63
CA LEU A 573 14.02 -15.36 31.96
C LEU A 573 14.54 -14.46 30.85
N SER A 574 13.72 -14.29 29.81
CA SER A 574 14.18 -13.51 28.67
C SER A 574 12.99 -13.10 27.80
N ILE A 575 12.98 -11.84 27.39
CA ILE A 575 12.13 -11.36 26.31
C ILE A 575 12.92 -11.03 25.06
N ARG A 576 14.22 -11.27 25.06
CA ARG A 576 15.02 -11.16 23.84
C ARG A 576 14.48 -12.13 22.80
N PRO A 577 14.23 -11.66 21.57
CA PRO A 577 13.51 -12.52 20.60
C PRO A 577 14.16 -13.86 20.33
N GLU A 578 15.50 -13.91 20.27
CA GLU A 578 16.16 -15.18 19.97
C GLU A 578 16.02 -16.18 21.11
N THR A 579 15.92 -15.71 22.35
CA THR A 579 15.89 -16.58 23.53
C THR A 579 14.68 -16.29 24.39
N HIS A 580 13.57 -15.88 23.79
N HIS A 580 13.57 -15.87 23.79
CA HIS A 580 12.38 -15.50 24.55
CA HIS A 580 12.40 -15.48 24.57
C HIS A 580 11.81 -16.70 25.28
C HIS A 580 11.80 -16.69 25.28
N SER A 581 11.39 -16.48 26.53
CA SER A 581 10.75 -17.53 27.30
C SER A 581 9.36 -17.80 26.73
N PRO A 582 9.06 -19.01 26.30
CA PRO A 582 7.76 -19.27 25.65
C PRO A 582 6.61 -19.09 26.63
N GLY A 583 5.66 -18.23 26.25
CA GLY A 583 4.43 -18.08 27.01
C GLY A 583 4.51 -17.13 28.19
N MET A 584 5.49 -16.24 28.22
CA MET A 584 5.62 -15.28 29.31
C MET A 584 4.93 -13.98 28.92
N PHE A 585 4.14 -13.43 29.84
CA PHE A 585 3.25 -12.31 29.54
C PHE A 585 3.64 -11.00 30.22
N SER A 586 4.54 -11.03 31.19
CA SER A 586 4.71 -9.87 32.08
C SER A 586 5.41 -8.69 31.40
N TRP A 587 6.12 -8.90 30.29
CA TRP A 587 6.94 -7.84 29.71
C TRP A 587 6.70 -7.72 28.22
N PHE A 588 6.43 -6.50 27.76
CA PHE A 588 6.55 -6.09 26.38
C PHE A 588 7.94 -5.49 26.14
N PRO A 589 8.41 -5.47 24.90
CA PRO A 589 9.68 -4.78 24.60
C PRO A 589 9.55 -3.29 24.83
N ILE A 590 10.69 -2.62 24.79
CA ILE A 590 10.73 -1.17 24.94
C ILE A 590 11.22 -0.56 23.63
N LEU A 591 10.93 0.73 23.44
CA LEU A 591 11.31 1.44 22.23
C LEU A 591 11.91 2.78 22.60
N PHE A 592 13.15 3.02 22.14
CA PHE A 592 13.79 4.32 22.24
C PHE A 592 13.73 4.99 20.87
N PRO A 593 12.98 6.07 20.69
CA PRO A 593 12.90 6.72 19.38
C PRO A 593 14.06 7.69 19.18
N ILE A 594 14.15 8.21 17.96
CA ILE A 594 15.07 9.29 17.63
C ILE A 594 14.28 10.37 16.89
N LYS A 595 14.74 11.62 17.04
CA LYS A 595 13.99 12.75 16.51
C LYS A 595 13.91 12.71 14.99
N GLN A 596 15.04 12.49 14.33
CA GLN A 596 15.07 12.47 12.87
C GLN A 596 15.42 11.08 12.37
N PRO A 597 14.64 10.53 11.43
CA PRO A 597 15.01 9.25 10.83
C PRO A 597 16.33 9.35 10.07
N ILE A 598 17.04 8.23 9.99
CA ILE A 598 18.40 8.21 9.43
C ILE A 598 18.46 7.18 8.32
N THR A 599 18.81 7.62 7.11
CA THR A 599 18.97 6.70 6.00
C THR A 599 20.20 5.82 6.24
N VAL A 600 20.04 4.51 6.07
CA VAL A 600 21.14 3.56 6.22
C VAL A 600 21.20 2.71 4.96
N ARG A 601 22.35 2.74 4.29
CA ARG A 601 22.54 1.98 3.06
C ARG A 601 23.05 0.58 3.35
N GLU A 602 22.93 -0.29 2.35
CA GLU A 602 23.37 -1.68 2.47
C GLU A 602 24.86 -1.74 2.77
N GLY A 603 25.22 -2.48 3.82
CA GLY A 603 26.61 -2.64 4.20
C GLY A 603 27.11 -1.64 5.22
N GLN A 604 26.34 -0.60 5.55
CA GLN A 604 26.77 0.38 6.52
C GLN A 604 26.56 -0.14 7.94
N THR A 605 27.21 0.54 8.89
CA THR A 605 27.15 0.17 10.29
C THR A 605 26.48 1.28 11.07
N ILE A 606 25.50 0.91 11.90
CA ILE A 606 24.84 1.85 12.80
C ILE A 606 25.59 1.83 14.12
N CYS A 607 26.31 2.90 14.41
CA CYS A 607 27.00 3.05 15.68
C CYS A 607 26.18 3.97 16.58
N VAL A 608 25.77 3.44 17.73
CA VAL A 608 24.90 4.13 18.68
C VAL A 608 25.58 4.13 20.05
N ARG A 609 25.30 5.17 20.83
CA ARG A 609 25.84 5.32 22.17
C ARG A 609 24.68 5.37 23.17
N PHE A 610 24.88 4.77 24.34
CA PHE A 610 23.87 4.75 25.38
C PHE A 610 24.50 5.05 26.72
N TRP A 611 23.86 5.94 27.49
CA TRP A 611 24.32 6.30 28.82
C TRP A 611 23.25 5.95 29.85
N ARG A 612 23.70 5.52 31.02
CA ARG A 612 22.85 5.39 32.20
C ARG A 612 23.41 6.36 33.22
N CYS A 613 22.73 7.50 33.38
CA CYS A 613 23.16 8.59 34.24
C CYS A 613 22.26 8.67 35.47
N SER A 614 22.72 9.40 36.47
CA SER A 614 21.97 9.49 37.72
C SER A 614 22.54 10.60 38.58
N ASN A 615 21.71 11.09 39.49
CA ASN A 615 22.17 11.88 40.63
C ASN A 615 21.59 11.20 41.87
N SER A 616 21.43 11.96 42.95
CA SER A 616 20.89 11.39 44.18
C SER A 616 19.37 11.29 44.18
N LYS A 617 18.69 11.86 43.18
CA LYS A 617 17.24 11.89 43.15
C LYS A 617 16.62 11.11 42.01
N LYS A 618 17.29 10.99 40.86
CA LYS A 618 16.67 10.39 39.69
C LYS A 618 17.73 9.73 38.81
N VAL A 619 17.27 8.75 38.03
CA VAL A 619 18.08 8.04 37.06
C VAL A 619 17.42 8.19 35.70
N TRP A 620 18.24 8.30 34.65
CA TRP A 620 17.70 8.45 33.31
C TRP A 620 18.67 7.86 32.30
N TYR A 621 18.21 7.76 31.05
CA TYR A 621 19.02 7.30 29.94
C TYR A 621 19.27 8.44 28.96
N GLU A 622 20.43 8.39 28.32
CA GLU A 622 20.76 9.26 27.20
C GLU A 622 21.29 8.41 26.07
N TRP A 623 20.95 8.78 24.84
CA TRP A 623 21.39 7.99 23.70
C TRP A 623 21.59 8.90 22.49
N ALA A 624 22.42 8.44 21.57
CA ALA A 624 22.72 9.18 20.35
C ALA A 624 23.28 8.21 19.31
N VAL A 625 22.90 8.42 18.07
CA VAL A 625 23.47 7.70 16.94
C VAL A 625 24.69 8.47 16.45
N THR A 626 25.83 7.78 16.32
CA THR A 626 27.05 8.40 15.83
C THR A 626 27.47 7.93 14.44
N ALA A 627 26.92 6.82 13.96
CA ALA A 627 27.21 6.39 12.59
C ALA A 627 25.98 5.69 12.03
N PRO A 628 25.74 5.80 10.71
CA PRO A 628 26.56 6.43 9.67
C PRO A 628 26.49 7.96 9.69
N VAL A 629 25.60 8.53 10.49
CA VAL A 629 25.51 9.97 10.68
C VAL A 629 25.19 10.23 12.14
N CYS A 630 25.55 11.42 12.61
CA CYS A 630 25.34 11.79 14.00
C CYS A 630 23.96 12.38 14.21
N SER A 631 23.33 11.99 15.32
CA SER A 631 22.09 12.57 15.79
C SER A 631 22.38 13.47 16.99
N ALA A 632 21.35 14.15 17.46
CA ALA A 632 21.45 14.88 18.72
C ALA A 632 21.42 13.91 19.89
N ILE A 633 22.09 14.30 20.97
CA ILE A 633 22.04 13.51 22.20
C ILE A 633 20.65 13.63 22.79
N HIS A 634 19.95 12.50 22.90
CA HIS A 634 18.55 12.49 23.32
C HIS A 634 18.44 12.47 24.84
N ASN A 635 17.46 13.22 25.34
CA ASN A 635 17.20 13.33 26.77
C ASN A 635 18.42 13.77 27.58
N PRO A 636 19.02 14.93 27.24
CA PRO A 636 20.15 15.41 28.03
C PRO A 636 19.69 15.90 29.40
N THR A 637 20.45 15.54 30.43
CA THR A 637 20.15 15.88 31.82
C THR A 637 18.77 15.38 32.26
N GLY A 638 18.23 14.40 31.56
CA GLY A 638 16.90 13.89 31.87
C GLY A 638 15.80 14.91 31.74
N ARG A 639 15.95 15.87 30.83
CA ARG A 639 14.96 16.95 30.72
C ARG A 639 13.59 16.43 30.29
N SER A 640 13.56 15.36 29.50
CA SER A 640 12.31 14.82 29.00
C SER A 640 11.85 13.56 29.71
N TYR A 641 12.78 12.80 30.31
CA TYR A 641 12.42 11.54 30.94
C TYR A 641 13.39 11.24 32.08
N THR A 642 12.83 11.01 33.27
CA THR A 642 13.62 10.62 34.43
C THR A 642 12.89 9.51 35.18
N ILE A 643 13.66 8.74 35.93
CA ILE A 643 13.14 7.66 36.76
C ILE A 643 13.43 8.01 38.21
N GLY A 644 12.38 8.24 38.99
CA GLY A 644 12.55 8.75 40.33
C GLY A 644 13.13 7.69 41.27
N LEU A 645 14.08 8.11 42.10
CA LEU A 645 14.67 7.25 43.12
C LEU A 645 13.90 7.36 44.43
N CYS B 34 -33.37 5.65 -25.94
CA CYS B 34 -32.57 6.73 -25.39
C CYS B 34 -31.14 6.70 -25.90
N MET B 35 -30.69 7.82 -26.45
CA MET B 35 -29.32 7.98 -26.89
C MET B 35 -28.57 8.87 -25.91
N GLU B 36 -27.28 8.58 -25.73
CA GLU B 36 -26.47 9.31 -24.77
C GLU B 36 -25.75 10.46 -25.44
N ARG B 37 -25.31 11.42 -24.63
CA ARG B 37 -24.82 12.70 -25.16
C ARG B 37 -23.44 12.57 -25.80
N GLN B 38 -22.54 11.83 -25.18
CA GLN B 38 -21.14 11.79 -25.61
C GLN B 38 -21.02 10.88 -26.83
N LEU B 39 -21.00 11.48 -28.02
CA LEU B 39 -20.72 10.74 -29.24
C LEU B 39 -19.26 10.31 -29.25
N GLU B 40 -19.01 9.01 -29.39
CA GLU B 40 -17.67 8.47 -29.26
C GLU B 40 -17.01 8.14 -30.59
N ALA B 41 -17.76 7.58 -31.54
CA ALA B 41 -17.15 7.13 -32.79
C ALA B 41 -18.15 7.22 -33.94
N ALA B 42 -17.63 7.43 -35.15
CA ALA B 42 -18.44 7.51 -36.36
C ALA B 42 -17.66 6.91 -37.51
N ARG B 43 -18.27 5.95 -38.21
CA ARG B 43 -17.62 5.26 -39.32
C ARG B 43 -18.59 5.09 -40.47
N TYR B 44 -18.15 5.40 -41.69
CA TYR B 44 -18.98 5.13 -42.85
C TYR B 44 -18.83 3.69 -43.31
N ARG B 45 -19.85 3.21 -44.02
CA ARG B 45 -19.83 1.88 -44.62
C ARG B 45 -19.70 2.00 -46.13
N SER B 46 -19.48 0.86 -46.79
CA SER B 46 -19.26 0.86 -48.23
C SER B 46 -20.44 1.44 -48.99
N ASP B 47 -21.65 1.28 -48.48
CA ASP B 47 -22.85 1.77 -49.13
C ASP B 47 -23.28 3.15 -48.63
N GLY B 48 -22.43 3.82 -47.86
CA GLY B 48 -22.73 5.17 -47.42
C GLY B 48 -23.50 5.28 -46.12
N ALA B 49 -23.70 4.18 -45.40
CA ALA B 49 -24.38 4.23 -44.12
C ALA B 49 -23.41 4.64 -43.02
N LEU B 50 -23.95 5.26 -41.97
CA LEU B 50 -23.15 5.83 -40.89
C LEU B 50 -23.38 5.04 -39.61
N LEU B 51 -22.29 4.52 -39.04
CA LEU B 51 -22.31 3.82 -37.77
C LEU B 51 -21.83 4.76 -36.67
N LEU B 52 -22.66 4.92 -35.64
CA LEU B 52 -22.36 5.79 -34.52
C LEU B 52 -22.23 4.96 -33.24
N GLY B 53 -21.24 5.30 -32.43
CA GLY B 53 -21.11 4.72 -31.11
C GLY B 53 -21.06 5.82 -30.07
N ALA B 54 -21.92 5.75 -29.07
CA ALA B 54 -22.03 6.81 -28.08
C ALA B 54 -21.99 6.22 -26.67
N SER B 55 -21.69 7.08 -25.70
CA SER B 55 -21.64 6.69 -24.30
C SER B 55 -22.22 7.80 -23.45
N SER B 56 -22.62 7.43 -22.23
CA SER B 56 -23.06 8.40 -21.22
C SER B 56 -21.97 8.47 -20.15
N LEU B 57 -21.17 9.52 -20.19
CA LEU B 57 -20.08 9.70 -19.25
C LEU B 57 -20.49 10.52 -18.03
N SER B 58 -21.79 10.78 -17.86
CA SER B 58 -22.29 11.47 -16.69
C SER B 58 -23.76 11.15 -16.54
N GLY B 59 -24.26 11.29 -15.33
CA GLY B 59 -25.63 10.93 -15.01
C GLY B 59 -25.70 9.59 -14.27
N ARG B 60 -26.93 9.16 -14.03
CA ARG B 60 -27.16 7.96 -13.22
C ARG B 60 -26.54 6.73 -13.85
N CYS B 61 -26.70 6.57 -15.17
CA CYS B 61 -26.26 5.36 -15.87
C CYS B 61 -25.08 5.69 -16.77
N TRP B 62 -24.00 4.91 -16.64
CA TRP B 62 -22.81 5.05 -17.46
C TRP B 62 -22.77 3.90 -18.47
N ALA B 63 -23.71 3.91 -19.40
CA ALA B 63 -23.82 2.87 -20.41
C ALA B 63 -23.40 3.44 -21.78
N GLY B 64 -23.78 2.73 -22.84
CA GLY B 64 -23.46 3.15 -24.19
C GLY B 64 -24.46 2.60 -25.18
N SER B 65 -24.28 2.98 -26.44
CA SER B 65 -25.22 2.57 -27.47
C SER B 65 -24.54 2.57 -28.83
N LEU B 66 -25.03 1.68 -29.70
CA LEU B 66 -24.61 1.59 -31.09
C LEU B 66 -25.80 1.93 -31.98
N TRP B 67 -25.53 2.63 -33.09
CA TRP B 67 -26.57 3.09 -33.99
C TRP B 67 -26.09 2.98 -35.43
N LEU B 68 -27.05 2.74 -36.32
CA LEU B 68 -26.79 2.70 -37.76
C LEU B 68 -27.84 3.56 -38.45
N PHE B 69 -27.38 4.58 -39.19
CA PHE B 69 -28.22 5.49 -39.94
C PHE B 69 -27.95 5.28 -41.41
N LYS B 70 -28.96 4.80 -42.14
CA LYS B 70 -28.87 4.79 -43.60
C LYS B 70 -29.21 6.14 -44.21
N ASP B 71 -29.67 7.09 -43.39
CA ASP B 71 -29.82 8.49 -43.76
C ASP B 71 -28.84 9.29 -42.91
N PRO B 72 -27.62 9.54 -43.40
CA PRO B 72 -26.62 10.21 -42.54
C PRO B 72 -27.02 11.60 -42.08
N CYS B 73 -27.87 12.29 -42.84
CA CYS B 73 -28.29 13.63 -42.43
C CYS B 73 -29.29 13.61 -41.28
N ALA B 74 -29.92 12.47 -41.02
CA ALA B 74 -30.87 12.37 -39.92
C ALA B 74 -30.18 12.14 -38.58
N ALA B 75 -28.90 11.76 -38.58
CA ALA B 75 -28.18 11.54 -37.35
C ALA B 75 -27.98 12.85 -36.61
N PRO B 76 -27.92 12.82 -35.27
CA PRO B 76 -28.03 11.66 -34.38
C PRO B 76 -29.45 11.44 -33.83
N ASN B 77 -30.49 11.86 -34.56
CA ASN B 77 -31.85 11.71 -34.07
C ASN B 77 -32.23 10.24 -34.02
N GLU B 78 -32.60 9.76 -32.83
CA GLU B 78 -32.88 8.33 -32.65
C GLU B 78 -34.08 7.88 -33.47
N GLY B 79 -35.15 8.68 -33.49
CA GLY B 79 -36.38 8.29 -34.16
C GLY B 79 -36.24 8.06 -35.64
N PHE B 80 -35.17 8.57 -36.26
CA PHE B 80 -34.94 8.44 -37.68
C PHE B 80 -33.67 7.65 -37.96
N CYS B 81 -33.45 6.57 -37.20
CA CYS B 81 -32.31 5.70 -37.38
C CYS B 81 -32.74 4.39 -38.01
N SER B 82 -31.79 3.73 -38.67
CA SER B 82 -32.07 2.43 -39.28
C SER B 82 -32.01 1.31 -38.25
N ALA B 83 -31.01 1.35 -37.36
CA ALA B 83 -30.92 0.35 -36.30
C ALA B 83 -30.27 0.99 -35.08
N GLY B 84 -30.53 0.39 -33.92
CA GLY B 84 -29.96 0.89 -32.68
C GLY B 84 -30.09 -0.08 -31.53
N VAL B 85 -29.07 -0.14 -30.67
CA VAL B 85 -29.09 -1.02 -29.53
C VAL B 85 -28.35 -0.37 -28.37
N GLN B 86 -28.82 -0.64 -27.16
CA GLN B 86 -28.15 -0.22 -25.94
C GLN B 86 -27.24 -1.35 -25.46
N THR B 87 -26.02 -1.00 -25.06
CA THR B 87 -25.06 -1.98 -24.61
C THR B 87 -24.80 -1.83 -23.12
N GLU B 88 -24.03 -2.78 -22.57
CA GLU B 88 -23.85 -2.87 -21.13
C GLU B 88 -23.17 -1.63 -20.57
N ALA B 89 -21.95 -1.35 -21.02
CA ALA B 89 -21.18 -0.20 -20.58
C ALA B 89 -20.91 0.73 -21.76
N GLY B 90 -20.29 1.87 -21.46
CA GLY B 90 -19.95 2.81 -22.50
C GLY B 90 -18.90 2.25 -23.45
N VAL B 91 -18.93 2.73 -24.68
CA VAL B 91 -17.98 2.31 -25.70
C VAL B 91 -16.84 3.32 -25.71
N ALA B 92 -15.61 2.82 -25.90
CA ALA B 92 -14.45 3.68 -26.00
C ALA B 92 -13.89 3.78 -27.41
N ASP B 93 -14.15 2.79 -28.25
CA ASP B 93 -13.72 2.77 -29.64
C ASP B 93 -14.45 1.63 -30.33
N LEU B 94 -14.74 1.82 -31.62
CA LEU B 94 -15.35 0.78 -32.42
C LEU B 94 -14.74 0.77 -33.81
N THR B 95 -15.12 -0.23 -34.60
CA THR B 95 -14.64 -0.39 -35.96
C THR B 95 -15.53 -1.39 -36.68
N TRP B 96 -15.65 -1.23 -37.99
CA TRP B 96 -16.40 -2.18 -38.80
C TRP B 96 -15.63 -3.49 -38.92
N VAL B 97 -16.38 -4.58 -39.03
CA VAL B 97 -15.82 -5.89 -39.35
C VAL B 97 -16.54 -6.35 -40.62
N GLY B 98 -16.04 -5.92 -41.77
CA GLY B 98 -16.73 -6.21 -43.02
C GLY B 98 -17.86 -5.25 -43.23
N GLU B 99 -19.03 -5.78 -43.61
CA GLU B 99 -20.21 -4.97 -43.84
C GLU B 99 -21.31 -5.20 -42.80
N ARG B 100 -21.18 -6.21 -41.95
CA ARG B 100 -22.20 -6.54 -40.96
C ARG B 100 -21.71 -6.50 -39.53
N GLY B 101 -20.42 -6.63 -39.28
CA GLY B 101 -19.90 -6.72 -37.93
C GLY B 101 -19.51 -5.38 -37.33
N ILE B 102 -19.65 -5.29 -36.01
CA ILE B 102 -19.26 -4.10 -35.25
C ILE B 102 -18.42 -4.57 -34.07
N LEU B 103 -17.18 -4.12 -34.01
CA LEU B 103 -16.26 -4.50 -32.94
C LEU B 103 -16.15 -3.35 -31.95
N VAL B 104 -16.44 -3.64 -30.69
CA VAL B 104 -16.61 -2.61 -29.65
C VAL B 104 -15.60 -2.88 -28.54
N ALA B 105 -14.88 -1.84 -28.14
CA ALA B 105 -14.07 -1.84 -26.93
C ALA B 105 -14.89 -1.23 -25.80
N SER B 106 -15.08 -1.98 -24.73
CA SER B 106 -16.00 -1.58 -23.67
C SER B 106 -15.25 -1.07 -22.44
N ASP B 107 -15.95 -0.26 -21.65
CA ASP B 107 -15.43 0.16 -20.36
C ASP B 107 -15.29 -1.02 -19.40
N SER B 108 -16.12 -2.05 -19.58
CA SER B 108 -16.09 -3.23 -18.73
C SER B 108 -14.84 -4.08 -18.91
N GLY B 109 -13.94 -3.70 -19.81
CA GLY B 109 -12.80 -4.54 -20.12
C GLY B 109 -13.09 -5.60 -21.15
N ALA B 110 -14.15 -5.45 -21.93
CA ALA B 110 -14.61 -6.47 -22.85
C ALA B 110 -14.39 -6.04 -24.30
N VAL B 111 -14.14 -7.03 -25.14
CA VAL B 111 -14.22 -6.89 -26.58
C VAL B 111 -15.51 -7.54 -27.03
N GLU B 112 -16.35 -6.80 -27.74
CA GLU B 112 -17.68 -7.26 -28.12
C GLU B 112 -17.82 -7.22 -29.64
N LEU B 113 -18.21 -8.35 -30.22
CA LEU B 113 -18.60 -8.40 -31.62
C LEU B 113 -20.11 -8.44 -31.69
N TRP B 114 -20.69 -7.45 -32.37
CA TRP B 114 -22.11 -7.36 -32.64
C TRP B 114 -22.35 -7.58 -34.13
N GLU B 115 -23.53 -8.10 -34.46
CA GLU B 115 -23.88 -8.40 -35.84
C GLU B 115 -25.23 -7.80 -36.16
N LEU B 116 -25.41 -7.44 -37.42
CA LEU B 116 -26.66 -6.87 -37.90
C LEU B 116 -27.65 -7.97 -38.28
N ASP B 117 -28.94 -7.63 -38.21
CA ASP B 117 -29.98 -8.52 -38.70
C ASP B 117 -29.85 -8.69 -40.21
N GLU B 118 -30.42 -9.80 -40.71
CA GLU B 118 -30.40 -10.04 -42.15
C GLU B 118 -30.99 -8.87 -42.92
N ASN B 119 -32.05 -8.26 -42.39
CA ASN B 119 -32.63 -7.05 -42.96
C ASN B 119 -32.04 -5.78 -42.38
N GLU B 120 -31.01 -5.90 -41.53
CA GLU B 120 -30.27 -4.76 -40.98
C GLU B 120 -31.18 -3.82 -40.20
N THR B 121 -32.10 -4.40 -39.42
CA THR B 121 -32.95 -3.63 -38.52
C THR B 121 -32.56 -3.78 -37.06
N LEU B 122 -31.86 -4.87 -36.71
CA LEU B 122 -31.45 -5.14 -35.34
C LEU B 122 -29.93 -5.23 -35.26
N ILE B 123 -29.41 -5.03 -34.05
CA ILE B 123 -27.98 -5.19 -33.76
C ILE B 123 -27.88 -6.20 -32.63
N VAL B 124 -27.51 -7.43 -32.96
CA VAL B 124 -27.47 -8.52 -32.00
C VAL B 124 -26.02 -8.79 -31.62
N SER B 125 -25.82 -9.31 -30.41
CA SER B 125 -24.49 -9.56 -29.89
C SER B 125 -23.97 -10.91 -30.39
N LYS B 126 -22.81 -10.89 -31.05
CA LYS B 126 -22.20 -12.14 -31.50
C LYS B 126 -21.35 -12.75 -30.39
N PHE B 127 -20.47 -11.96 -29.79
CA PHE B 127 -19.77 -12.40 -28.59
C PHE B 127 -19.37 -11.20 -27.75
N CYS B 128 -19.05 -11.47 -26.48
CA CYS B 128 -18.61 -10.43 -25.55
C CYS B 128 -17.63 -11.10 -24.58
N LYS B 129 -16.34 -10.87 -24.79
CA LYS B 129 -15.29 -11.55 -24.04
C LYS B 129 -14.59 -10.55 -23.12
N TYR B 130 -14.49 -10.91 -21.84
CA TYR B 130 -13.81 -10.08 -20.83
C TYR B 130 -12.42 -10.65 -20.63
N GLU B 131 -11.47 -10.18 -21.44
CA GLU B 131 -10.08 -10.61 -21.33
C GLU B 131 -9.14 -9.53 -20.82
N HIS B 132 -9.51 -8.27 -20.95
CA HIS B 132 -8.73 -7.17 -20.37
C HIS B 132 -9.17 -6.92 -18.94
N ASP B 133 -8.24 -6.40 -18.14
CA ASP B 133 -8.49 -6.12 -16.73
C ASP B 133 -8.81 -4.66 -16.46
N ASP B 134 -8.91 -3.84 -17.50
CA ASP B 134 -9.26 -2.43 -17.36
C ASP B 134 -9.99 -1.99 -18.63
N ILE B 135 -10.24 -0.69 -18.74
CA ILE B 135 -10.97 -0.16 -19.89
C ILE B 135 -10.22 -0.46 -21.18
N VAL B 136 -10.89 -1.10 -22.13
CA VAL B 136 -10.34 -1.29 -23.46
C VAL B 136 -10.52 0.02 -24.21
N SER B 137 -9.40 0.67 -24.54
CA SER B 137 -9.44 2.03 -25.07
C SER B 137 -9.37 2.10 -26.58
N THR B 138 -8.84 1.08 -27.25
CA THR B 138 -8.66 1.12 -28.69
C THR B 138 -8.77 -0.28 -29.25
N VAL B 139 -9.22 -0.36 -30.50
CA VAL B 139 -9.34 -1.64 -31.20
C VAL B 139 -9.20 -1.38 -32.70
N SER B 140 -8.61 -2.33 -33.40
CA SER B 140 -8.35 -2.18 -34.83
C SER B 140 -8.37 -3.56 -35.48
N VAL B 141 -9.04 -3.64 -36.62
CA VAL B 141 -9.16 -4.90 -37.37
C VAL B 141 -7.99 -5.00 -38.34
N LEU B 142 -7.33 -6.16 -38.34
CA LEU B 142 -6.19 -6.38 -39.22
C LEU B 142 -6.64 -6.47 -40.67
N SER B 143 -5.66 -6.55 -41.57
CA SER B 143 -5.95 -6.43 -43.00
C SER B 143 -6.77 -7.59 -43.54
N SER B 144 -6.60 -8.79 -42.98
CA SER B 144 -7.35 -9.94 -43.48
C SER B 144 -8.84 -9.83 -43.16
N GLY B 145 -9.19 -9.12 -42.08
CA GLY B 145 -10.56 -9.01 -41.65
C GLY B 145 -11.02 -10.12 -40.73
N THR B 146 -10.19 -11.14 -40.49
CA THR B 146 -10.55 -12.23 -39.61
C THR B 146 -9.94 -12.09 -38.22
N GLN B 147 -8.95 -11.22 -38.04
CA GLN B 147 -8.30 -11.01 -36.76
C GLN B 147 -8.29 -9.53 -36.42
N ALA B 148 -8.09 -9.23 -35.14
CA ALA B 148 -8.11 -7.86 -34.66
C ALA B 148 -7.08 -7.69 -33.56
N VAL B 149 -6.78 -6.44 -33.23
CA VAL B 149 -5.86 -6.10 -32.15
C VAL B 149 -6.52 -5.07 -31.25
N SER B 150 -6.40 -5.27 -29.94
CA SER B 150 -7.05 -4.41 -28.96
C SER B 150 -6.03 -3.94 -27.92
N GLY B 151 -6.18 -2.69 -27.49
CA GLY B 151 -5.36 -2.13 -26.44
C GLY B 151 -6.22 -1.59 -25.31
N SER B 152 -5.70 -1.67 -24.09
CA SER B 152 -6.47 -1.31 -22.92
C SER B 152 -5.60 -0.55 -21.93
N LYS B 153 -6.25 -0.03 -20.89
CA LYS B 153 -5.53 0.64 -19.81
C LYS B 153 -4.80 -0.34 -18.90
N ASP B 154 -5.01 -1.64 -19.07
CA ASP B 154 -4.27 -2.64 -18.32
C ASP B 154 -2.88 -2.90 -18.90
N ILE B 155 -2.41 -2.00 -19.78
CA ILE B 155 -1.06 -1.99 -20.33
C ILE B 155 -0.87 -3.12 -21.33
N CYS B 156 -1.85 -4.02 -21.44
CA CYS B 156 -1.72 -5.18 -22.31
C CYS B 156 -2.33 -4.92 -23.68
N ILE B 157 -1.80 -5.64 -24.68
CA ILE B 157 -2.29 -5.58 -26.05
C ILE B 157 -2.58 -7.00 -26.51
N LYS B 158 -3.80 -7.23 -27.01
CA LYS B 158 -4.24 -8.58 -27.31
C LYS B 158 -4.60 -8.73 -28.78
N VAL B 159 -4.36 -9.93 -29.31
CA VAL B 159 -4.71 -10.30 -30.68
C VAL B 159 -5.87 -11.28 -30.62
N TRP B 160 -6.91 -11.02 -31.41
CA TRP B 160 -8.16 -11.76 -31.36
C TRP B 160 -8.43 -12.44 -32.70
N ASP B 161 -8.81 -13.71 -32.63
CA ASP B 161 -9.38 -14.42 -33.77
C ASP B 161 -10.89 -14.18 -33.74
N LEU B 162 -11.39 -13.39 -34.68
CA LEU B 162 -12.79 -13.00 -34.67
C LEU B 162 -13.73 -14.17 -34.99
N ALA B 163 -13.21 -15.23 -35.61
CA ALA B 163 -14.04 -16.40 -35.90
C ALA B 163 -14.16 -17.34 -34.72
N GLN B 164 -13.05 -17.63 -34.03
CA GLN B 164 -13.08 -18.53 -32.89
C GLN B 164 -13.43 -17.81 -31.59
N GLN B 165 -13.51 -16.48 -31.60
CA GLN B 165 -13.87 -15.69 -30.42
C GLN B 165 -12.89 -15.92 -29.28
N VAL B 166 -11.61 -16.06 -29.61
CA VAL B 166 -10.57 -16.31 -28.63
C VAL B 166 -9.42 -15.34 -28.84
N VAL B 167 -8.60 -15.19 -27.81
CA VAL B 167 -7.40 -14.36 -27.88
C VAL B 167 -6.25 -15.23 -28.33
N LEU B 168 -5.61 -14.84 -29.44
CA LEU B 168 -4.48 -15.61 -29.96
C LEU B 168 -3.23 -15.38 -29.11
N SER B 169 -2.97 -14.14 -28.73
CA SER B 169 -1.78 -13.83 -27.96
C SER B 169 -1.99 -12.53 -27.19
N SER B 170 -1.31 -12.42 -26.06
CA SER B 170 -1.38 -11.24 -25.21
C SER B 170 0.04 -10.78 -24.92
N TYR B 171 0.33 -9.52 -25.23
CA TYR B 171 1.65 -8.93 -25.08
C TYR B 171 1.60 -7.84 -24.02
N ARG B 172 2.59 -7.83 -23.13
CA ARG B 172 2.79 -6.78 -22.14
C ARG B 172 4.12 -6.12 -22.47
N ALA B 173 4.12 -5.26 -23.49
CA ALA B 173 5.31 -4.57 -23.93
C ALA B 173 5.44 -3.17 -23.37
N HIS B 174 4.34 -2.46 -23.18
CA HIS B 174 4.37 -1.10 -22.66
C HIS B 174 4.50 -1.13 -21.13
N ALA B 175 4.64 0.06 -20.55
CA ALA B 175 4.71 0.22 -19.09
C ALA B 175 3.63 1.14 -18.56
N ALA B 176 2.67 1.55 -19.40
CA ALA B 176 1.59 2.43 -18.99
C ALA B 176 0.37 2.12 -19.86
N GLN B 177 -0.66 2.94 -19.73
CA GLN B 177 -1.91 2.71 -20.46
C GLN B 177 -1.69 2.81 -21.96
N VAL B 178 -2.16 1.78 -22.68
CA VAL B 178 -2.08 1.80 -24.14
C VAL B 178 -3.07 2.83 -24.67
N THR B 179 -2.54 3.80 -25.42
CA THR B 179 -3.38 4.89 -25.93
C THR B 179 -4.02 4.56 -27.26
N CYS B 180 -3.27 3.95 -28.19
CA CYS B 180 -3.82 3.68 -29.51
C CYS B 180 -3.13 2.47 -30.13
N VAL B 181 -3.90 1.73 -30.92
CA VAL B 181 -3.37 0.66 -31.76
C VAL B 181 -3.97 0.84 -33.15
N ALA B 182 -3.18 0.52 -34.17
CA ALA B 182 -3.60 0.74 -35.55
C ALA B 182 -3.04 -0.36 -36.43
N ALA B 183 -3.92 -1.18 -36.99
CA ALA B 183 -3.49 -2.25 -37.88
C ALA B 183 -2.98 -1.67 -39.20
N SER B 184 -1.96 -2.32 -39.76
CA SER B 184 -1.46 -1.91 -41.06
C SER B 184 -2.51 -2.21 -42.13
N PRO B 185 -2.58 -1.36 -43.16
CA PRO B 185 -3.65 -1.52 -44.16
C PRO B 185 -3.59 -2.83 -44.93
N HIS B 186 -2.39 -3.36 -45.20
CA HIS B 186 -2.28 -4.51 -46.10
C HIS B 186 -1.40 -5.64 -45.57
N LYS B 187 -0.82 -5.51 -44.38
CA LYS B 187 -0.03 -6.57 -43.77
C LYS B 187 -0.76 -7.08 -42.53
N ASP B 188 -1.13 -8.35 -42.54
CA ASP B 188 -1.96 -8.91 -41.48
C ASP B 188 -1.19 -9.16 -40.19
N SER B 189 0.13 -9.04 -40.20
CA SER B 189 0.94 -9.29 -39.01
C SER B 189 1.66 -8.05 -38.52
N VAL B 190 1.37 -6.88 -39.06
CA VAL B 190 2.05 -5.63 -38.72
C VAL B 190 1.04 -4.63 -38.20
N PHE B 191 1.39 -3.96 -37.10
CA PHE B 191 0.53 -2.92 -36.56
C PHE B 191 1.31 -2.01 -35.62
N LEU B 192 0.83 -0.76 -35.50
CA LEU B 192 1.43 0.23 -34.64
C LEU B 192 0.70 0.30 -33.30
N SER B 193 1.43 0.71 -32.26
CA SER B 193 0.83 0.97 -30.96
C SER B 193 1.55 2.14 -30.31
N CYS B 194 0.83 2.86 -29.46
CA CYS B 194 1.40 3.95 -28.70
C CYS B 194 0.71 4.02 -27.34
N SER B 195 1.49 4.34 -26.31
CA SER B 195 1.03 4.31 -24.93
C SER B 195 1.58 5.53 -24.20
N GLU B 196 1.14 5.68 -22.94
CA GLU B 196 1.58 6.79 -22.10
C GLU B 196 2.99 6.60 -21.53
N ASP B 197 3.65 5.48 -21.84
CA ASP B 197 5.05 5.30 -21.49
C ASP B 197 5.99 5.91 -22.53
N ASN B 198 5.46 6.77 -23.39
CA ASN B 198 6.20 7.52 -24.40
C ASN B 198 6.83 6.60 -25.46
N ARG B 199 6.28 5.40 -25.64
CA ARG B 199 6.78 4.46 -26.63
C ARG B 199 5.83 4.40 -27.83
N ILE B 200 6.42 4.34 -29.02
CA ILE B 200 5.71 4.06 -30.26
C ILE B 200 6.29 2.76 -30.80
N LEU B 201 5.52 1.69 -30.73
CA LEU B 201 5.98 0.35 -31.05
C LEU B 201 5.42 -0.10 -32.39
N LEU B 202 6.31 -0.48 -33.30
CA LEU B 202 5.95 -1.18 -34.53
C LEU B 202 5.98 -2.68 -34.25
N TRP B 203 4.94 -3.39 -34.66
CA TRP B 203 4.74 -4.79 -34.31
C TRP B 203 4.71 -5.62 -35.58
N ASP B 204 5.54 -6.66 -35.62
CA ASP B 204 5.50 -7.69 -36.65
C ASP B 204 5.48 -9.03 -35.91
N THR B 205 4.31 -9.67 -35.86
CA THR B 205 4.13 -10.89 -35.07
C THR B 205 4.91 -12.08 -35.61
N ARG B 206 5.61 -11.94 -36.73
CA ARG B 206 6.44 -13.03 -37.25
C ARG B 206 7.81 -13.08 -36.63
N CYS B 207 8.13 -12.16 -35.70
CA CYS B 207 9.42 -12.11 -35.03
C CYS B 207 9.32 -12.68 -33.62
N PRO B 208 10.39 -13.30 -33.13
CA PRO B 208 10.39 -13.74 -31.71
C PRO B 208 10.14 -12.60 -30.76
N LYS B 209 10.79 -11.45 -30.95
CA LYS B 209 10.46 -10.23 -30.25
C LYS B 209 9.66 -9.35 -31.20
N PRO B 210 8.32 -9.36 -31.14
CA PRO B 210 7.53 -8.73 -32.21
C PRO B 210 7.54 -7.21 -32.19
N ALA B 211 7.86 -6.59 -31.06
CA ALA B 211 7.79 -5.14 -30.95
C ALA B 211 9.15 -4.49 -31.20
N SER B 212 9.11 -3.30 -31.77
CA SER B 212 10.32 -2.51 -32.02
C SER B 212 10.00 -1.04 -31.75
N GLN B 213 10.91 -0.36 -31.05
CA GLN B 213 10.68 1.00 -30.61
C GLN B 213 11.13 1.99 -31.69
N ILE B 214 10.28 2.99 -31.94
CA ILE B 214 10.57 4.04 -32.90
C ILE B 214 10.86 5.33 -32.15
N GLY B 215 9.86 6.22 -32.09
CA GLY B 215 9.97 7.45 -31.33
C GLY B 215 10.92 8.48 -31.90
N CYS B 216 10.65 9.75 -31.64
CA CYS B 216 11.56 10.81 -32.03
C CYS B 216 12.82 10.78 -31.14
N SER B 217 13.81 11.57 -31.52
CA SER B 217 15.14 11.56 -30.92
C SER B 217 15.09 11.58 -29.39
N ALA B 218 14.71 12.70 -28.80
CA ALA B 218 14.63 12.85 -27.36
C ALA B 218 13.24 12.47 -26.87
N PRO B 219 13.08 12.26 -25.55
CA PRO B 219 11.73 12.03 -25.00
C PRO B 219 10.77 13.16 -25.34
N GLY B 220 10.05 13.02 -26.45
CA GLY B 220 9.04 13.99 -26.83
C GLY B 220 7.80 13.86 -25.96
N TYR B 221 6.79 14.64 -26.33
CA TYR B 221 5.53 14.59 -25.60
C TYR B 221 4.77 13.31 -25.94
N LEU B 222 3.89 12.91 -25.04
CA LEU B 222 3.30 11.58 -25.10
C LEU B 222 2.52 11.38 -26.39
N PRO B 223 2.73 10.27 -27.10
CA PRO B 223 1.94 10.03 -28.31
C PRO B 223 0.50 9.68 -27.97
N THR B 224 -0.43 10.26 -28.73
CA THR B 224 -1.85 10.11 -28.45
C THR B 224 -2.68 9.61 -29.63
N SER B 225 -2.23 9.77 -30.87
CA SER B 225 -3.00 9.31 -32.02
C SER B 225 -2.04 8.78 -33.09
N LEU B 226 -2.47 7.71 -33.77
CA LEU B 226 -1.69 7.07 -34.81
C LEU B 226 -2.55 6.88 -36.06
N ALA B 227 -1.90 6.89 -37.22
CA ALA B 227 -2.60 6.63 -38.48
C ALA B 227 -1.60 6.21 -39.54
N TRP B 228 -1.77 5.02 -40.10
CA TRP B 228 -0.97 4.59 -41.25
C TRP B 228 -1.35 5.39 -42.49
N HIS B 229 -0.38 5.54 -43.39
CA HIS B 229 -0.67 6.17 -44.67
C HIS B 229 -1.34 5.16 -45.61
N PRO B 230 -2.43 5.52 -46.28
CA PRO B 230 -3.14 4.53 -47.10
C PRO B 230 -2.36 4.08 -48.32
N GLN B 231 -1.54 4.95 -48.92
CA GLN B 231 -0.80 4.62 -50.13
C GLN B 231 0.61 4.11 -49.87
N GLN B 232 1.27 4.58 -48.81
CA GLN B 232 2.64 4.19 -48.50
C GLN B 232 2.61 3.32 -47.25
N SER B 233 2.99 2.05 -47.42
CA SER B 233 2.90 1.06 -46.34
C SER B 233 4.02 1.20 -45.31
N GLU B 234 4.97 2.12 -45.51
CA GLU B 234 6.08 2.31 -44.59
C GLU B 234 6.03 3.65 -43.88
N VAL B 235 4.97 4.42 -44.07
CA VAL B 235 4.87 5.79 -43.56
C VAL B 235 3.61 5.90 -42.71
N PHE B 236 3.72 6.63 -41.60
CA PHE B 236 2.56 6.88 -40.74
C PHE B 236 2.67 8.29 -40.16
N VAL B 237 1.62 8.68 -39.44
CA VAL B 237 1.56 9.96 -38.75
C VAL B 237 1.11 9.71 -37.31
N PHE B 238 1.59 10.55 -36.41
CA PHE B 238 1.19 10.45 -35.02
C PHE B 238 1.07 11.85 -34.41
N GLY B 239 0.05 12.02 -33.59
CA GLY B 239 -0.21 13.28 -32.88
C GLY B 239 0.00 13.09 -31.39
N ASP B 240 0.61 14.10 -30.76
CA ASP B 240 0.99 14.02 -29.35
C ASP B 240 0.05 14.84 -28.48
N GLU B 241 0.34 14.84 -27.18
CA GLU B 241 -0.46 15.54 -26.19
C GLU B 241 -0.30 17.06 -26.25
N ASN B 242 0.74 17.55 -26.93
CA ASN B 242 1.00 18.98 -27.01
C ASN B 242 0.36 19.64 -28.23
N GLY B 243 -0.32 18.87 -29.08
CA GLY B 243 -0.94 19.40 -30.27
C GLY B 243 -0.13 19.27 -31.53
N THR B 244 0.96 18.53 -31.51
CA THR B 244 1.85 18.40 -32.66
C THR B 244 1.51 17.12 -33.42
N VAL B 245 1.40 17.26 -34.74
CA VAL B 245 1.23 16.14 -35.66
C VAL B 245 2.53 15.94 -36.42
N SER B 246 3.02 14.70 -36.46
CA SER B 246 4.31 14.40 -37.05
C SER B 246 4.18 13.27 -38.07
N LEU B 247 4.91 13.42 -39.17
CA LEU B 247 4.97 12.44 -40.25
C LEU B 247 6.29 11.69 -40.14
N VAL B 248 6.21 10.35 -40.00
CA VAL B 248 7.36 9.49 -39.76
C VAL B 248 7.37 8.38 -40.81
N ASP B 249 8.57 7.95 -41.18
CA ASP B 249 8.77 6.79 -42.05
C ASP B 249 9.40 5.67 -41.25
N THR B 250 8.78 4.48 -41.30
CA THR B 250 9.25 3.37 -40.49
C THR B 250 10.65 2.92 -40.89
N LYS B 251 11.02 3.09 -42.16
CA LYS B 251 12.33 2.64 -42.63
C LYS B 251 13.44 3.52 -42.06
N SER B 252 13.36 4.83 -42.28
CA SER B 252 14.37 5.75 -41.81
C SER B 252 14.18 6.14 -40.34
N THR B 253 13.10 5.67 -39.70
CA THR B 253 12.69 6.02 -38.33
C THR B 253 13.12 7.41 -37.91
N SER B 254 12.74 8.42 -38.68
CA SER B 254 13.07 9.81 -38.38
C SER B 254 11.84 10.66 -38.60
N CYS B 255 11.64 11.65 -37.72
CA CYS B 255 10.53 12.58 -37.86
C CYS B 255 10.66 13.35 -39.17
N VAL B 256 10.04 12.83 -40.24
CA VAL B 256 10.15 13.47 -41.54
C VAL B 256 9.57 14.88 -41.49
N LEU B 257 8.42 15.05 -40.85
CA LEU B 257 7.86 16.39 -40.76
C LEU B 257 7.11 16.54 -39.45
N SER B 258 6.86 17.79 -39.06
CA SER B 258 6.12 18.08 -37.85
C SER B 258 5.37 19.40 -38.04
N SER B 259 4.27 19.54 -37.30
CA SER B 259 3.47 20.76 -37.37
C SER B 259 2.66 20.91 -36.08
N ALA B 260 2.74 22.10 -35.47
CA ALA B 260 1.93 22.44 -34.32
C ALA B 260 0.54 22.82 -34.82
N VAL B 261 -0.32 21.82 -34.96
CA VAL B 261 -1.63 22.02 -35.56
C VAL B 261 -2.66 22.50 -34.56
N HIS B 262 -2.71 21.87 -33.39
CA HIS B 262 -3.74 22.14 -32.39
C HIS B 262 -3.11 22.72 -31.13
N SER B 263 -3.97 23.34 -30.32
CA SER B 263 -3.57 23.92 -29.04
C SER B 263 -3.67 22.94 -27.89
N GLN B 264 -4.27 21.77 -28.11
CA GLN B 264 -4.40 20.76 -27.07
C GLN B 264 -4.11 19.39 -27.67
N CYS B 265 -4.33 18.34 -26.88
CA CYS B 265 -3.96 16.99 -27.27
C CYS B 265 -4.65 16.56 -28.57
N VAL B 266 -3.88 15.93 -29.45
CA VAL B 266 -4.40 15.40 -30.71
C VAL B 266 -4.97 14.01 -30.43
N THR B 267 -6.29 13.87 -30.54
CA THR B 267 -6.98 12.65 -30.17
C THR B 267 -7.31 11.75 -31.35
N GLY B 268 -7.15 12.22 -32.58
CA GLY B 268 -7.49 11.41 -33.73
C GLY B 268 -6.83 11.93 -34.99
N LEU B 269 -6.50 10.99 -35.88
CA LEU B 269 -5.91 11.30 -37.17
C LEU B 269 -6.53 10.38 -38.21
N VAL B 270 -7.17 10.96 -39.22
CA VAL B 270 -7.92 10.21 -40.23
C VAL B 270 -7.49 10.69 -41.61
N PHE B 271 -7.04 9.75 -42.45
CA PHE B 271 -6.69 10.06 -43.82
C PHE B 271 -7.93 9.97 -44.72
N SER B 272 -7.88 10.71 -45.83
CA SER B 272 -8.95 10.71 -46.81
C SER B 272 -8.71 9.64 -47.87
N PRO B 273 -9.76 9.17 -48.54
CA PRO B 273 -9.59 8.14 -49.56
C PRO B 273 -9.09 8.66 -50.91
N HIS B 274 -8.70 9.93 -51.00
CA HIS B 274 -8.19 10.47 -52.25
C HIS B 274 -6.86 9.79 -52.62
N SER B 275 -6.52 9.87 -53.90
CA SER B 275 -5.25 9.31 -54.37
C SER B 275 -4.07 9.93 -53.63
N VAL B 276 -3.98 11.25 -53.66
CA VAL B 276 -3.10 11.99 -52.75
C VAL B 276 -3.97 12.45 -51.59
N PRO B 277 -3.88 11.80 -50.43
CA PRO B 277 -4.90 11.98 -49.40
C PRO B 277 -4.69 13.22 -48.54
N PHE B 278 -5.80 13.71 -48.01
CA PHE B 278 -5.79 14.74 -46.97
C PHE B 278 -5.67 14.08 -45.60
N LEU B 279 -5.33 14.88 -44.60
CA LEU B 279 -5.20 14.40 -43.23
C LEU B 279 -6.15 15.18 -42.33
N ALA B 280 -7.07 14.48 -41.69
CA ALA B 280 -8.02 15.08 -40.77
C ALA B 280 -7.50 14.87 -39.34
N SER B 281 -7.21 15.97 -38.65
CA SER B 281 -6.70 15.94 -37.29
C SER B 281 -7.76 16.49 -36.34
N LEU B 282 -7.96 15.77 -35.24
CA LEU B 282 -8.96 16.08 -34.23
C LEU B 282 -8.26 16.31 -32.90
N SER B 283 -8.79 17.23 -32.10
CA SER B 283 -8.14 17.55 -30.84
C SER B 283 -9.19 17.90 -29.78
N GLU B 284 -8.73 17.96 -28.53
CA GLU B 284 -9.55 18.39 -27.42
C GLU B 284 -9.72 19.91 -27.36
N ASP B 285 -9.14 20.65 -28.30
CA ASP B 285 -9.43 22.07 -28.44
C ASP B 285 -10.73 22.31 -29.19
N CYS B 286 -11.49 21.25 -29.48
CA CYS B 286 -12.81 21.33 -30.09
C CYS B 286 -12.76 21.82 -31.53
N SER B 287 -11.67 21.52 -32.24
CA SER B 287 -11.51 21.95 -33.62
C SER B 287 -11.06 20.78 -34.49
N LEU B 288 -11.48 20.83 -35.74
CA LEU B 288 -11.06 19.88 -36.77
C LEU B 288 -10.16 20.60 -37.76
N ALA B 289 -9.04 19.98 -38.11
CA ALA B 289 -8.13 20.55 -39.09
C ALA B 289 -7.95 19.59 -40.25
N VAL B 290 -7.84 20.14 -41.46
CA VAL B 290 -7.61 19.36 -42.67
C VAL B 290 -6.31 19.86 -43.28
N LEU B 291 -5.30 19.00 -43.27
CA LEU B 291 -3.95 19.29 -43.71
C LEU B 291 -3.61 18.50 -44.96
N ASP B 292 -2.56 18.93 -45.65
CA ASP B 292 -2.09 18.30 -46.88
C ASP B 292 -0.96 17.32 -46.58
N SER B 293 -0.26 16.89 -47.63
CA SER B 293 0.85 15.97 -47.47
C SER B 293 2.08 16.62 -46.82
N SER B 294 2.10 17.94 -46.70
CA SER B 294 3.16 18.65 -46.00
C SER B 294 2.74 19.11 -44.62
N LEU B 295 1.62 18.58 -44.10
CA LEU B 295 1.08 18.95 -42.79
C LEU B 295 0.77 20.44 -42.69
N SER B 296 0.46 21.06 -43.82
CA SER B 296 0.09 22.47 -43.86
C SER B 296 -1.43 22.60 -43.77
N GLU B 297 -1.88 23.53 -42.94
CA GLU B 297 -3.31 23.68 -42.69
C GLU B 297 -4.02 24.20 -43.93
N LEU B 298 -4.99 23.44 -44.42
CA LEU B 298 -5.83 23.84 -45.54
C LEU B 298 -7.24 24.21 -45.13
N PHE B 299 -7.85 23.45 -44.22
CA PHE B 299 -9.21 23.73 -43.75
C PHE B 299 -9.25 23.64 -42.23
N ARG B 300 -10.18 24.38 -41.63
CA ARG B 300 -10.34 24.36 -40.19
C ARG B 300 -11.79 24.64 -39.83
N SER B 301 -12.32 23.83 -38.91
CA SER B 301 -13.70 23.97 -38.45
C SER B 301 -13.73 24.00 -36.94
N GLN B 302 -14.39 25.02 -36.39
CA GLN B 302 -14.64 25.15 -34.96
C GLN B 302 -16.12 25.01 -34.63
N ALA B 303 -16.83 24.16 -35.40
CA ALA B 303 -18.27 24.03 -35.23
C ALA B 303 -18.63 23.33 -33.92
N HIS B 304 -17.81 22.39 -33.47
CA HIS B 304 -18.09 21.69 -32.22
C HIS B 304 -17.81 22.59 -31.02
N ARG B 305 -18.64 22.47 -30.00
CA ARG B 305 -18.45 23.17 -28.74
C ARG B 305 -17.94 22.26 -27.64
N ASP B 306 -17.68 20.99 -27.93
CA ASP B 306 -17.04 20.07 -26.99
C ASP B 306 -15.94 19.32 -27.73
N PHE B 307 -15.36 18.31 -27.07
CA PHE B 307 -14.26 17.56 -27.69
C PHE B 307 -14.70 16.92 -29.00
N VAL B 308 -13.79 16.88 -29.97
CA VAL B 308 -14.02 16.22 -31.25
C VAL B 308 -13.44 14.82 -31.15
N ARG B 309 -14.31 13.81 -31.27
CA ARG B 309 -13.94 12.43 -30.97
C ARG B 309 -13.58 11.61 -32.20
N ASP B 310 -14.41 11.65 -33.25
CA ASP B 310 -14.16 10.81 -34.42
C ASP B 310 -14.55 11.56 -35.68
N ALA B 311 -13.90 11.18 -36.78
CA ALA B 311 -14.15 11.74 -38.10
C ALA B 311 -14.03 10.64 -39.14
N THR B 312 -14.85 10.74 -40.19
CA THR B 312 -14.88 9.72 -41.23
C THR B 312 -15.20 10.37 -42.57
N TRP B 313 -14.50 9.92 -43.61
CA TRP B 313 -14.73 10.42 -44.96
C TRP B 313 -15.75 9.55 -45.68
N SER B 314 -16.61 10.19 -46.46
CA SER B 314 -17.68 9.48 -47.15
C SER B 314 -17.12 8.71 -48.33
N PRO B 315 -17.44 7.41 -48.47
CA PRO B 315 -16.99 6.68 -49.66
C PRO B 315 -17.68 7.11 -50.93
N LEU B 316 -18.94 7.55 -50.85
CA LEU B 316 -19.65 8.00 -52.05
C LEU B 316 -19.11 9.34 -52.53
N ASN B 317 -18.96 10.29 -51.61
CA ASN B 317 -18.41 11.61 -51.90
C ASN B 317 -17.13 11.76 -51.09
N HIS B 318 -15.98 11.60 -51.75
CA HIS B 318 -14.69 11.66 -51.06
C HIS B 318 -14.40 13.03 -50.46
N SER B 319 -15.16 14.06 -50.83
CA SER B 319 -14.94 15.41 -50.31
C SER B 319 -15.81 15.72 -49.09
N LEU B 320 -16.66 14.79 -48.66
CA LEU B 320 -17.55 14.99 -47.53
C LEU B 320 -16.95 14.33 -46.30
N LEU B 321 -16.79 15.10 -45.21
CA LEU B 321 -16.17 14.63 -43.99
C LEU B 321 -17.14 14.81 -42.83
N THR B 322 -17.45 13.72 -42.13
CA THR B 322 -18.40 13.75 -41.03
C THR B 322 -17.65 13.64 -39.71
N THR B 323 -17.90 14.59 -38.81
CA THR B 323 -17.25 14.61 -37.50
C THR B 323 -18.31 14.53 -36.40
N VAL B 324 -17.93 13.89 -35.29
CA VAL B 324 -18.79 13.77 -34.13
C VAL B 324 -18.02 14.24 -32.90
N GLY B 325 -18.76 14.61 -31.87
CA GLY B 325 -18.15 15.11 -30.64
C GLY B 325 -19.06 14.96 -29.46
N TRP B 326 -18.51 15.27 -28.28
CA TRP B 326 -19.24 15.13 -27.02
C TRP B 326 -20.33 16.18 -26.86
N ASP B 327 -20.47 17.12 -27.79
CA ASP B 327 -21.59 18.04 -27.80
C ASP B 327 -22.81 17.47 -28.52
N HIS B 328 -22.80 16.16 -28.80
CA HIS B 328 -23.91 15.46 -29.45
C HIS B 328 -24.20 16.03 -30.83
N GLN B 329 -23.17 16.53 -31.52
CA GLN B 329 -23.31 17.12 -32.84
C GLN B 329 -22.68 16.22 -33.89
N VAL B 330 -23.38 16.06 -35.01
CA VAL B 330 -22.87 15.32 -36.17
C VAL B 330 -22.76 16.34 -37.30
N VAL B 331 -21.53 16.76 -37.61
CA VAL B 331 -21.29 17.81 -38.57
C VAL B 331 -20.81 17.21 -39.88
N HIS B 332 -21.33 17.71 -40.99
CA HIS B 332 -20.96 17.26 -42.34
C HIS B 332 -20.29 18.42 -43.07
N HIS B 333 -18.96 18.40 -43.12
CA HIS B 333 -18.20 19.42 -43.82
C HIS B 333 -17.94 19.01 -45.26
N VAL B 334 -17.88 20.01 -46.14
CA VAL B 334 -17.41 19.85 -47.50
C VAL B 334 -16.04 20.50 -47.59
N VAL B 335 -15.08 19.79 -48.18
CA VAL B 335 -13.69 20.19 -48.20
C VAL B 335 -13.24 20.30 -49.66
N PRO B 336 -12.61 21.41 -50.07
CA PRO B 336 -12.10 21.56 -51.43
C PRO B 336 -10.85 20.71 -51.68
#